data_6J85
#
_entry.id   6J85
#
_cell.length_a   49.356
_cell.length_b   152.647
_cell.length_c   56.394
_cell.angle_alpha   90.00
_cell.angle_beta   115.85
_cell.angle_gamma   90.00
#
_symmetry.space_group_name_H-M   'P 1 21 1'
#
loop_
_entity.id
_entity.type
_entity.pdbx_description
1 polymer 'Nocardicin N-oxygenase'
2 non-polymer 'PROTOPORPHYRIN IX CONTAINING FE'
3 water water
#
_entity_poly.entity_id   1
_entity_poly.type   'polypeptide(L)'
_entity_poly.pdbx_seq_one_letter_code
;MGSSHHHHHHSSGLVPRGSHMTGTPAPVRYPFGEAVRLDLHPTYAELRERRTLLRVRVPHGDDAWLVTRHEDVRTVLTDP
RFSRAAAAGRDEARLTPLVIRTSVMGVDPPDHTRLRRLVATAFSRRGVEHLRPGITALVRRLTDDMVGQGPPVDLVRSFV
TPLSGLVICDLLGVPYADRSRFRHWLEAFFSITALPADEVAVRIEAMYGYIAELVALRRAEPTEDLLGGLVRARDRDGSC
SEEELVDLANVLLLAGYHTTASQLASSLFVLLTQPEHAELLRSRPELAPRAVEELLRYVPLIAHVTFARYATEDVWLGGT
LVRAGEAVLPAVPSANRDAEVFDEPDRLDLTRRHNPHLAFGHGLHHCLGASLVRVQMEVALTMLLGRFPDLALAAPPDEV
PWTRGMQARSPLRLPVTWGGGERAAAAVGADRGAG
;
_entity_poly.pdbx_strand_id   A,B
#
loop_
_chem_comp.id
_chem_comp.type
_chem_comp.name
_chem_comp.formula
HEM non-polymer 'PROTOPORPHYRIN IX CONTAINING FE' 'C34 H32 Fe N4 O4'
#
# COMPACT_ATOMS: atom_id res chain seq x y z
N THR A 24 -9.31 1.38 19.75
CA THR A 24 -8.39 2.25 19.01
C THR A 24 -7.02 2.38 19.70
N PRO A 25 -5.95 2.24 18.91
CA PRO A 25 -4.59 2.46 19.45
C PRO A 25 -4.41 3.84 20.07
N ALA A 26 -3.48 3.93 21.02
CA ALA A 26 -3.05 5.23 21.50
C ALA A 26 -2.34 5.96 20.36
N PRO A 27 -2.76 7.18 20.01
CA PRO A 27 -2.19 7.86 18.85
C PRO A 27 -0.73 8.24 19.04
N VAL A 28 0.02 8.22 17.93
CA VAL A 28 1.43 8.59 17.88
C VAL A 28 1.55 10.03 17.37
N ARG A 29 2.51 10.79 17.90
CA ARG A 29 2.71 12.16 17.45
C ARG A 29 3.04 12.18 15.97
N TYR A 30 2.41 13.10 15.23
CA TYR A 30 2.65 13.30 13.81
C TYR A 30 2.57 14.79 13.52
N PRO A 31 3.51 15.36 12.76
CA PRO A 31 4.69 14.78 12.08
C PRO A 31 5.68 14.06 13.02
N PHE A 32 6.25 12.93 12.56
CA PHE A 32 7.31 12.27 13.33
C PHE A 32 8.45 13.22 13.64
N GLY A 33 8.63 14.24 12.81
CA GLY A 33 9.65 15.24 13.10
C GLY A 33 9.66 16.30 12.02
N GLU A 34 10.59 17.25 12.20
CA GLU A 34 10.89 18.20 11.14
C GLU A 34 11.31 17.48 9.86
N ALA A 35 10.77 17.92 8.72
CA ALA A 35 11.23 17.42 7.42
C ALA A 35 12.56 18.05 7.08
N VAL A 36 13.58 17.23 6.88
CA VAL A 36 14.96 17.66 6.77
C VAL A 36 15.41 17.51 5.31
N ARG A 37 15.73 18.63 4.66
CA ARG A 37 16.15 18.62 3.27
C ARG A 37 15.19 17.77 2.46
N LEU A 38 15.68 16.74 1.77
CA LEU A 38 14.79 15.84 1.04
C LEU A 38 14.75 14.43 1.63
N ASP A 39 15.11 14.29 2.89
CA ASP A 39 15.12 12.97 3.53
C ASP A 39 13.73 12.61 4.01
N LEU A 40 13.39 11.33 3.89
CA LEU A 40 12.17 10.79 4.47
C LEU A 40 12.49 10.09 5.79
N HIS A 41 11.65 10.34 6.79
CA HIS A 41 11.74 9.68 8.09
C HIS A 41 11.69 8.17 7.91
N PRO A 42 12.42 7.43 8.76
CA PRO A 42 12.40 5.96 8.66
C PRO A 42 11.06 5.32 8.98
N THR A 43 10.14 6.01 9.63
CA THR A 43 8.89 5.35 9.99
C THR A 43 8.03 5.05 8.76
N TYR A 44 8.13 5.85 7.70
CA TYR A 44 7.31 5.56 6.53
C TYR A 44 7.64 4.18 5.95
N ALA A 45 8.94 3.88 5.80
CA ALA A 45 9.35 2.58 5.26
C ALA A 45 8.87 1.41 6.13
N GLU A 46 8.97 1.54 7.46
CA GLU A 46 8.49 0.48 8.35
C GLU A 46 6.98 0.30 8.22
N LEU A 47 6.23 1.40 8.14
CA LEU A 47 4.76 1.28 8.04
C LEU A 47 4.34 0.56 6.76
N ARG A 48 5.01 0.84 5.64
CA ARG A 48 4.65 0.17 4.38
C ARG A 48 4.80 -1.34 4.50
N GLU A 49 5.92 -1.79 5.09
CA GLU A 49 6.16 -3.22 5.30
C GLU A 49 5.16 -3.87 6.26
N ARG A 50 4.74 -3.14 7.31
CA ARG A 50 3.77 -3.70 8.24
C ARG A 50 2.39 -3.84 7.62
N ARG A 51 2.08 -3.02 6.61
CA ARG A 51 0.79 -3.05 5.92
C ARG A 51 -0.35 -2.64 6.83
N THR A 52 -0.09 -1.70 7.75
CA THR A 52 -1.08 -1.20 8.69
C THR A 52 -1.15 0.32 8.65
N LEU A 53 -2.35 0.86 8.85
CA LEU A 53 -2.43 2.30 9.10
C LEU A 53 -1.96 2.60 10.53
N LEU A 54 -1.49 3.82 10.73
CA LEU A 54 -1.03 4.32 12.03
C LEU A 54 -1.98 5.40 12.51
N ARG A 55 -2.60 5.17 13.66
CA ARG A 55 -3.41 6.18 14.36
C ARG A 55 -2.49 7.29 14.89
N VAL A 56 -2.69 8.52 14.44
CA VAL A 56 -1.79 9.61 14.77
C VAL A 56 -2.57 10.77 15.35
N ARG A 57 -1.87 11.60 16.10
CA ARG A 57 -2.38 12.84 16.66
C ARG A 57 -1.59 13.97 16.02
N VAL A 58 -2.28 14.86 15.33
CA VAL A 58 -1.63 15.85 14.47
C VAL A 58 -1.70 17.21 15.17
N PRO A 59 -1.04 18.25 14.67
CA PRO A 59 -0.98 19.49 15.46
C PRO A 59 -2.31 20.18 15.64
N HIS A 60 -3.30 19.95 14.76
CA HIS A 60 -4.62 20.53 14.90
C HIS A 60 -5.69 19.61 14.36
N GLY A 61 -6.86 19.64 15.00
CA GLY A 61 -8.01 18.93 14.49
C GLY A 61 -8.07 17.50 14.96
N ASP A 62 -8.93 16.73 14.28
CA ASP A 62 -9.18 15.36 14.66
C ASP A 62 -7.89 14.52 14.57
N ASP A 63 -7.89 13.42 15.33
CA ASP A 63 -6.96 12.34 15.09
C ASP A 63 -7.27 11.73 13.73
N ALA A 64 -6.28 11.05 13.15
CA ALA A 64 -6.40 10.57 11.79
C ALA A 64 -5.78 9.19 11.70
N TRP A 65 -5.96 8.55 10.54
CA TRP A 65 -5.12 7.42 10.17
C TRP A 65 -4.10 7.87 9.14
N LEU A 66 -2.83 7.51 9.34
CA LEU A 66 -1.79 7.80 8.37
C LEU A 66 -1.69 6.64 7.37
N VAL A 67 -1.67 6.97 6.09
CA VAL A 67 -1.73 6.02 4.98
C VAL A 67 -0.44 6.17 4.22
N THR A 68 0.29 5.06 4.05
CA THR A 68 1.68 5.14 3.59
C THR A 68 1.96 4.30 2.36
N ARG A 69 1.21 3.23 2.14
CA ARG A 69 1.43 2.38 0.97
C ARG A 69 0.77 2.98 -0.27
N HIS A 70 1.40 2.73 -1.42
CA HIS A 70 0.94 3.25 -2.71
C HIS A 70 -0.48 2.83 -3.01
N GLU A 71 -0.73 1.52 -2.93
CA GLU A 71 -2.07 1.02 -3.21
C GLU A 71 -3.09 1.61 -2.25
N ASP A 72 -2.67 1.89 -1.01
CA ASP A 72 -3.59 2.46 -0.02
C ASP A 72 -3.76 3.97 -0.20
N VAL A 73 -2.69 4.68 -0.59
CA VAL A 73 -2.85 6.11 -0.85
C VAL A 73 -3.72 6.35 -2.08
N ARG A 74 -3.63 5.48 -3.10
CA ARG A 74 -4.51 5.58 -4.25
C ARG A 74 -5.98 5.54 -3.83
N THR A 75 -6.31 4.63 -2.91
CA THR A 75 -7.69 4.44 -2.47
C THR A 75 -8.22 5.66 -1.73
N VAL A 76 -7.48 6.16 -0.74
CA VAL A 76 -7.99 7.30 0.01
C VAL A 76 -8.03 8.56 -0.85
N LEU A 77 -7.20 8.65 -1.89
CA LEU A 77 -7.20 9.84 -2.73
C LEU A 77 -8.44 9.92 -3.62
N THR A 78 -8.98 8.77 -4.08
CA THR A 78 -10.03 8.82 -5.10
C THR A 78 -11.24 7.91 -4.88
N ASP A 79 -11.18 6.95 -3.95
CA ASP A 79 -12.33 6.09 -3.69
C ASP A 79 -13.53 6.93 -3.25
N PRO A 80 -14.74 6.64 -3.75
CA PRO A 80 -15.87 7.52 -3.44
C PRO A 80 -16.29 7.49 -1.99
N ARG A 81 -16.03 6.39 -1.28
CA ARG A 81 -16.29 6.31 0.16
C ARG A 81 -15.43 7.28 0.98
N PHE A 82 -14.47 7.98 0.37
CA PHE A 82 -13.64 8.94 1.08
C PHE A 82 -13.91 10.33 0.54
N SER A 83 -14.35 11.23 1.42
CA SER A 83 -14.86 12.53 1.01
C SER A 83 -13.93 13.63 1.47
N ARG A 84 -13.69 14.55 0.56
CA ARG A 84 -12.97 15.77 0.89
C ARG A 84 -13.91 16.89 1.31
N ALA A 85 -15.17 16.88 0.83
CA ALA A 85 -16.15 17.88 1.27
C ALA A 85 -16.55 17.68 2.74
N ALA A 86 -16.63 16.41 3.19
CA ALA A 86 -16.95 16.12 4.59
C ALA A 86 -16.02 16.82 5.56
N ALA A 87 -14.79 17.12 5.15
CA ALA A 87 -13.85 17.78 6.04
C ALA A 87 -14.24 19.22 6.32
N ALA A 88 -15.07 19.83 5.47
CA ALA A 88 -15.51 21.19 5.76
C ALA A 88 -16.44 21.24 6.98
N GLY A 89 -17.15 20.13 7.25
CA GLY A 89 -18.01 20.08 8.41
C GLY A 89 -17.35 19.59 9.69
N ARG A 90 -16.00 19.63 9.78
CA ARG A 90 -15.27 19.06 10.90
C ARG A 90 -14.13 20.01 11.28
N ASP A 91 -13.57 19.77 12.48
CA ASP A 91 -12.31 20.39 12.87
C ASP A 91 -11.23 19.50 12.27
N GLU A 92 -10.83 19.83 11.05
CA GLU A 92 -10.18 18.86 10.16
C GLU A 92 -8.73 18.61 10.57
N ALA A 93 -8.39 17.33 10.71
CA ALA A 93 -7.02 16.87 10.95
C ALA A 93 -6.04 17.49 9.96
N ARG A 94 -5.10 18.28 10.47
CA ARG A 94 -4.22 19.08 9.62
C ARG A 94 -2.94 19.42 10.38
N LEU A 95 -1.99 20.02 9.65
CA LEU A 95 -0.75 20.51 10.22
C LEU A 95 -0.73 22.02 10.38
N THR A 96 -1.68 22.72 9.79
CA THR A 96 -1.78 24.18 9.79
C THR A 96 -2.75 24.65 10.89
N PRO A 97 -2.47 25.80 11.52
CA PRO A 97 -3.36 26.24 12.62
C PRO A 97 -4.78 26.58 12.19
N LEU A 98 -4.98 26.96 10.93
CA LEU A 98 -6.28 27.38 10.42
C LEU A 98 -6.67 26.52 9.23
N VAL A 99 -7.96 26.23 9.12
CA VAL A 99 -8.45 25.50 7.96
C VAL A 99 -8.34 26.38 6.72
N ILE A 100 -7.76 25.83 5.67
CA ILE A 100 -7.62 26.53 4.40
C ILE A 100 -8.82 26.18 3.53
N ARG A 101 -9.41 27.19 2.88
CA ARG A 101 -10.38 26.93 1.83
C ARG A 101 -9.61 26.50 0.58
N THR A 102 -9.95 25.34 0.04
CA THR A 102 -9.16 24.72 -1.02
C THR A 102 -9.92 24.65 -2.35
N SER A 103 -11.01 25.38 -2.48
CA SER A 103 -11.73 25.56 -3.74
C SER A 103 -12.09 24.19 -4.29
N VAL A 104 -11.71 23.84 -5.52
CA VAL A 104 -12.05 22.56 -6.13
C VAL A 104 -11.37 21.37 -5.42
N MET A 105 -10.27 21.60 -4.71
CA MET A 105 -9.57 20.53 -3.98
C MET A 105 -10.30 20.16 -2.70
N GLY A 106 -11.27 20.96 -2.26
CA GLY A 106 -12.01 20.70 -1.03
C GLY A 106 -13.45 20.27 -1.20
N VAL A 107 -13.89 19.92 -2.42
CA VAL A 107 -15.30 19.62 -2.69
C VAL A 107 -15.42 18.26 -3.37
N ASP A 108 -16.62 17.71 -3.31
CA ASP A 108 -17.00 16.48 -3.98
C ASP A 108 -17.81 16.81 -5.22
N PRO A 109 -18.08 15.82 -6.08
CA PRO A 109 -19.14 16.01 -7.06
C PRO A 109 -20.48 16.14 -6.36
N PRO A 110 -21.41 16.95 -6.92
CA PRO A 110 -21.39 17.57 -8.24
C PRO A 110 -20.64 18.88 -8.31
N ASP A 111 -20.37 19.49 -7.14
CA ASP A 111 -19.69 20.77 -7.12
C ASP A 111 -18.29 20.70 -7.70
N HIS A 112 -17.64 19.54 -7.62
CA HIS A 112 -16.28 19.45 -8.13
C HIS A 112 -16.26 19.50 -9.66
N THR A 113 -17.19 18.77 -10.30
CA THR A 113 -17.37 18.83 -11.75
C THR A 113 -17.62 20.25 -12.24
N ARG A 114 -18.65 20.90 -11.70
CA ARG A 114 -19.09 22.21 -12.17
C ARG A 114 -17.95 23.23 -12.12
N LEU A 115 -17.11 23.17 -11.09
CA LEU A 115 -16.02 24.13 -10.94
C LEU A 115 -14.81 23.75 -11.78
N ARG A 116 -14.48 22.46 -11.88
CA ARG A 116 -13.29 22.12 -12.66
C ARG A 116 -13.54 22.24 -14.15
N ARG A 117 -14.79 22.04 -14.60
CA ARG A 117 -15.17 22.29 -15.99
C ARG A 117 -14.73 23.66 -16.46
N LEU A 118 -14.68 24.64 -15.55
CA LEU A 118 -14.42 26.03 -15.90
C LEU A 118 -12.96 26.31 -16.17
N VAL A 119 -12.07 25.34 -15.95
CA VAL A 119 -10.65 25.60 -16.06
C VAL A 119 -9.98 24.43 -16.78
N ALA A 120 -10.75 23.37 -17.03
CA ALA A 120 -10.17 22.14 -17.54
C ALA A 120 -9.45 22.33 -18.88
N THR A 121 -10.05 23.09 -19.81
CA THR A 121 -9.48 23.17 -21.16
C THR A 121 -8.18 23.98 -21.18
N ALA A 122 -8.08 25.04 -20.37
CA ALA A 122 -6.87 25.84 -20.39
C ALA A 122 -5.67 25.11 -19.81
N PHE A 123 -5.88 24.11 -18.96
CA PHE A 123 -4.78 23.40 -18.31
C PHE A 123 -4.52 22.03 -18.95
N SER A 124 -5.32 21.65 -19.95
CA SER A 124 -5.13 20.38 -20.64
C SER A 124 -3.80 20.37 -21.38
N ARG A 125 -3.40 19.18 -21.81
CA ARG A 125 -2.07 19.04 -22.40
C ARG A 125 -1.98 19.84 -23.70
N ARG A 126 -2.99 19.72 -24.55
CA ARG A 126 -3.02 20.50 -25.80
C ARG A 126 -3.09 21.98 -25.53
N GLY A 127 -3.84 22.39 -24.50
CA GLY A 127 -3.92 23.80 -24.15
C GLY A 127 -2.58 24.35 -23.67
N VAL A 128 -1.93 23.64 -22.76
CA VAL A 128 -0.64 24.10 -22.24
C VAL A 128 0.44 24.08 -23.32
N GLU A 129 0.38 23.13 -24.26
CA GLU A 129 1.38 23.09 -25.34
C GLU A 129 1.44 24.40 -26.12
N HIS A 130 0.33 25.13 -26.21
CA HIS A 130 0.35 26.40 -26.93
C HIS A 130 1.15 27.46 -26.21
N LEU A 131 1.48 27.25 -24.92
CA LEU A 131 2.35 28.16 -24.17
C LEU A 131 3.84 27.84 -24.31
N ARG A 132 4.19 26.68 -24.87
CA ARG A 132 5.59 26.28 -24.91
C ARG A 132 6.50 27.31 -25.57
N PRO A 133 6.15 27.93 -26.71
CA PRO A 133 7.05 28.97 -27.24
C PRO A 133 7.30 30.10 -26.28
N GLY A 134 6.30 30.49 -25.49
CA GLY A 134 6.48 31.62 -24.57
C GLY A 134 7.30 31.25 -23.35
N ILE A 135 7.04 30.08 -22.77
CA ILE A 135 7.89 29.60 -21.69
C ILE A 135 9.32 29.43 -22.19
N THR A 136 9.48 28.82 -23.37
CA THR A 136 10.82 28.69 -23.94
C THR A 136 11.48 30.04 -24.11
N ALA A 137 10.72 31.03 -24.62
CA ALA A 137 11.27 32.37 -24.79
C ALA A 137 11.61 33.00 -23.44
N LEU A 138 10.80 32.71 -22.42
CA LEU A 138 11.08 33.24 -21.08
C LEU A 138 12.32 32.59 -20.47
N VAL A 139 12.46 31.27 -20.60
CA VAL A 139 13.64 30.62 -20.04
C VAL A 139 14.91 31.13 -20.72
N ARG A 140 14.85 31.43 -22.02
CA ARG A 140 16.00 31.99 -22.71
C ARG A 140 16.35 33.37 -22.18
N ARG A 141 15.34 34.24 -22.01
CA ARG A 141 15.60 35.55 -21.42
C ARG A 141 16.26 35.39 -20.06
N LEU A 142 15.76 34.47 -19.24
CA LEU A 142 16.31 34.33 -17.88
C LEU A 142 17.75 33.83 -17.92
N THR A 143 18.06 32.85 -18.79
CA THR A 143 19.42 32.35 -18.89
C THR A 143 20.34 33.30 -19.68
N ASP A 144 19.79 34.07 -20.64
CA ASP A 144 20.52 35.21 -21.21
C ASP A 144 21.16 36.04 -20.12
N ASP A 145 20.38 36.31 -19.06
CA ASP A 145 20.84 37.18 -17.99
C ASP A 145 21.90 36.49 -17.13
N MET A 146 21.75 35.19 -16.89
CA MET A 146 22.79 34.48 -16.12
C MET A 146 24.10 34.47 -16.90
N VAL A 147 24.03 34.24 -18.22
CA VAL A 147 25.22 34.21 -19.06
C VAL A 147 25.99 35.53 -18.99
N GLY A 148 25.27 36.65 -19.05
CA GLY A 148 25.93 37.94 -19.07
C GLY A 148 26.33 38.43 -17.70
N GLN A 149 25.66 37.97 -16.65
CA GLN A 149 26.09 38.35 -15.31
C GLN A 149 27.30 37.56 -14.83
N GLY A 150 27.40 36.29 -15.19
CA GLY A 150 28.53 35.50 -14.76
C GLY A 150 28.33 34.90 -13.39
N PRO A 151 29.02 33.79 -13.10
CA PRO A 151 28.83 33.13 -11.79
C PRO A 151 29.46 33.97 -10.70
N PRO A 152 28.99 33.82 -9.44
CA PRO A 152 27.90 32.95 -8.96
C PRO A 152 26.51 33.53 -9.14
N VAL A 153 25.50 32.66 -9.18
CA VAL A 153 24.10 33.08 -9.31
C VAL A 153 23.28 32.29 -8.29
N ASP A 154 22.39 32.98 -7.57
CA ASP A 154 21.36 32.26 -6.83
C ASP A 154 20.32 31.78 -7.83
N LEU A 155 20.30 30.46 -8.08
CA LEU A 155 19.40 29.91 -9.10
C LEU A 155 17.94 30.11 -8.74
N VAL A 156 17.62 30.24 -7.46
CA VAL A 156 16.23 30.42 -7.05
C VAL A 156 15.75 31.82 -7.41
N ARG A 157 16.52 32.84 -7.02
CA ARG A 157 16.17 34.23 -7.27
C ARG A 157 16.26 34.58 -8.75
N SER A 158 17.28 34.10 -9.43
CA SER A 158 17.52 34.56 -10.79
C SER A 158 16.87 33.68 -11.86
N PHE A 159 16.27 32.55 -11.48
CA PHE A 159 15.71 31.64 -12.48
C PHE A 159 14.41 31.00 -12.02
N VAL A 160 14.41 30.34 -10.84
CA VAL A 160 13.26 29.51 -10.47
C VAL A 160 12.04 30.37 -10.17
N THR A 161 12.20 31.40 -9.34
CA THR A 161 11.02 32.16 -8.96
C THR A 161 10.51 33.01 -10.12
N PRO A 162 11.35 33.74 -10.88
CA PRO A 162 10.81 34.44 -12.06
C PRO A 162 10.05 33.53 -12.99
N LEU A 163 10.60 32.36 -13.30
CA LEU A 163 9.98 31.48 -14.28
C LEU A 163 8.56 31.11 -13.86
N SER A 164 8.42 30.45 -12.71
CA SER A 164 7.10 29.98 -12.32
C SER A 164 6.22 31.13 -11.86
N GLY A 165 6.83 32.20 -11.32
CA GLY A 165 6.06 33.40 -11.02
C GLY A 165 5.47 34.04 -12.27
N LEU A 166 6.32 34.34 -13.26
CA LEU A 166 5.86 35.00 -14.48
C LEU A 166 4.93 34.11 -15.30
N VAL A 167 5.12 32.78 -15.27
CA VAL A 167 4.26 31.95 -16.10
C VAL A 167 2.83 31.95 -15.57
N ILE A 168 2.67 31.80 -14.24
CA ILE A 168 1.30 31.73 -13.70
C ILE A 168 0.66 33.11 -13.67
N CYS A 169 1.45 34.17 -13.52
CA CYS A 169 0.90 35.52 -13.49
C CYS A 169 0.38 35.93 -14.87
N ASP A 170 1.11 35.57 -15.93
CA ASP A 170 0.63 35.82 -17.30
C ASP A 170 -0.59 34.97 -17.62
N LEU A 171 -0.60 33.72 -17.21
CA LEU A 171 -1.74 32.86 -17.54
C LEU A 171 -2.98 33.32 -16.79
N LEU A 172 -2.81 33.71 -15.54
CA LEU A 172 -3.93 33.99 -14.66
C LEU A 172 -4.42 35.42 -14.82
N GLY A 173 -3.53 36.36 -15.12
CA GLY A 173 -3.85 37.76 -15.12
C GLY A 173 -3.29 38.53 -13.96
N VAL A 174 -2.80 37.83 -12.93
CA VAL A 174 -2.27 38.52 -11.74
C VAL A 174 -1.04 39.34 -12.12
N PRO A 175 -0.97 40.63 -11.81
CA PRO A 175 0.23 41.42 -12.13
C PRO A 175 1.46 40.85 -11.44
N TYR A 176 2.45 40.45 -12.25
CA TYR A 176 3.73 40.01 -11.67
C TYR A 176 4.41 41.14 -10.90
N ALA A 177 4.26 42.38 -11.37
CA ALA A 177 4.80 43.54 -10.65
C ALA A 177 4.23 43.69 -9.25
N ASP A 178 3.13 43.02 -8.94
CA ASP A 178 2.50 43.04 -7.63
C ASP A 178 3.08 42.02 -6.67
N ARG A 179 4.18 41.34 -7.05
CA ARG A 179 4.68 40.24 -6.24
C ARG A 179 5.24 40.72 -4.90
N SER A 180 5.77 41.94 -4.86
CA SER A 180 6.25 42.51 -3.61
C SER A 180 5.19 42.46 -2.52
N ARG A 181 3.94 42.75 -2.86
CA ARG A 181 2.90 42.74 -1.84
C ARG A 181 2.29 41.35 -1.60
N PHE A 182 1.96 40.58 -2.64
CA PHE A 182 1.25 39.33 -2.41
C PHE A 182 2.15 38.13 -2.14
N ARG A 183 3.45 38.19 -2.47
CA ARG A 183 4.33 37.07 -2.13
C ARG A 183 4.43 36.88 -0.62
N HIS A 184 4.23 37.97 0.14
CA HIS A 184 4.25 37.91 1.60
C HIS A 184 3.09 37.09 2.15
N TRP A 185 1.89 37.26 1.59
CA TRP A 185 0.74 36.50 2.01
C TRP A 185 0.77 35.06 1.50
N LEU A 186 1.52 34.79 0.44
CA LEU A 186 1.55 33.44 -0.13
C LEU A 186 2.08 32.44 0.89
N GLU A 187 3.11 32.82 1.63
CA GLU A 187 3.75 31.93 2.59
C GLU A 187 2.76 31.38 3.62
N ALA A 188 1.83 32.23 4.08
CA ALA A 188 0.97 31.86 5.20
C ALA A 188 0.03 30.71 4.87
N PHE A 189 -0.34 30.51 3.59
CA PHE A 189 -1.12 29.32 3.25
C PHE A 189 -0.29 28.04 3.36
N PHE A 190 1.03 28.15 3.37
CA PHE A 190 1.88 26.97 3.47
C PHE A 190 2.44 26.75 4.87
N SER A 191 2.18 27.65 5.81
CA SER A 191 2.83 27.65 7.11
C SER A 191 2.25 26.59 8.07
N ILE A 192 3.13 25.76 8.62
CA ILE A 192 2.82 24.84 9.71
C ILE A 192 3.23 25.51 11.01
N THR A 193 4.55 25.63 11.24
CA THR A 193 5.07 26.25 12.45
C THR A 193 5.71 27.62 12.23
N ALA A 194 5.88 28.06 10.98
CA ALA A 194 6.66 29.27 10.73
C ALA A 194 5.92 30.54 11.17
N LEU A 195 4.59 30.52 11.23
CA LEU A 195 3.88 31.72 11.60
C LEU A 195 2.90 31.42 12.73
N PRO A 196 2.73 32.36 13.67
CA PRO A 196 1.66 32.22 14.65
C PRO A 196 0.30 32.34 13.99
N ALA A 197 -0.72 31.77 14.65
CA ALA A 197 -2.03 31.72 14.04
C ALA A 197 -2.60 33.10 13.73
N ASP A 198 -2.25 34.12 14.50
CA ASP A 198 -2.78 35.45 14.24
C ASP A 198 -2.18 36.05 12.97
N GLU A 199 -0.88 35.91 12.77
CA GLU A 199 -0.29 36.38 11.53
C GLU A 199 -0.83 35.61 10.33
N VAL A 200 -1.21 34.34 10.53
CA VAL A 200 -1.74 33.55 9.43
C VAL A 200 -3.09 34.10 8.99
N ALA A 201 -3.97 34.39 9.96
CA ALA A 201 -5.30 34.89 9.61
C ALA A 201 -5.23 36.27 8.96
N VAL A 202 -4.23 37.08 9.33
CA VAL A 202 -4.11 38.43 8.77
C VAL A 202 -3.66 38.36 7.32
N ARG A 203 -2.65 37.55 7.03
CA ARG A 203 -2.18 37.45 5.66
C ARG A 203 -3.25 36.83 4.77
N ILE A 204 -3.95 35.81 5.27
CA ILE A 204 -4.90 35.08 4.44
C ILE A 204 -6.03 36.01 4.01
N GLU A 205 -6.52 36.84 4.94
CA GLU A 205 -7.58 37.78 4.59
C GLU A 205 -7.04 38.90 3.70
N ALA A 206 -5.80 39.33 3.94
CA ALA A 206 -5.15 40.28 3.03
C ALA A 206 -5.09 39.70 1.61
N MET A 207 -4.84 38.39 1.51
CA MET A 207 -4.75 37.76 0.20
C MET A 207 -6.12 37.73 -0.48
N TYR A 208 -7.18 37.47 0.30
CA TYR A 208 -8.52 37.40 -0.27
C TYR A 208 -9.03 38.78 -0.67
N GLY A 209 -8.65 39.83 0.07
CA GLY A 209 -8.97 41.17 -0.36
C GLY A 209 -8.29 41.54 -1.66
N TYR A 210 -7.01 41.16 -1.79
CA TYR A 210 -6.28 41.51 -3.01
C TYR A 210 -6.85 40.80 -4.24
N ILE A 211 -7.22 39.52 -4.10
CA ILE A 211 -7.90 38.82 -5.20
C ILE A 211 -9.22 39.50 -5.55
N ALA A 212 -9.95 39.94 -4.51
CA ALA A 212 -11.20 40.65 -4.72
C ALA A 212 -10.98 41.98 -5.45
N GLU A 213 -9.90 42.70 -5.10
CA GLU A 213 -9.45 43.83 -5.92
C GLU A 213 -9.41 43.45 -7.40
N LEU A 214 -8.63 42.41 -7.74
CA LEU A 214 -8.42 42.08 -9.16
C LEU A 214 -9.72 41.68 -9.84
N VAL A 215 -10.59 40.98 -9.12
CA VAL A 215 -11.87 40.56 -9.68
C VAL A 215 -12.73 41.78 -10.02
N ALA A 216 -12.74 42.79 -9.14
CA ALA A 216 -13.48 44.02 -9.42
C ALA A 216 -12.98 44.70 -10.69
N LEU A 217 -11.65 44.75 -10.88
CA LEU A 217 -11.07 45.33 -12.10
C LEU A 217 -11.63 44.69 -13.37
N ARG A 218 -11.97 43.41 -13.33
CA ARG A 218 -12.50 42.71 -14.49
C ARG A 218 -13.98 42.96 -14.74
N ARG A 219 -14.70 43.56 -13.79
CA ARG A 219 -16.14 43.75 -13.98
C ARG A 219 -16.43 44.86 -14.99
N ALA A 220 -15.58 45.89 -15.03
CA ALA A 220 -15.73 47.02 -15.92
C ALA A 220 -14.64 47.11 -16.99
N GLU A 221 -13.55 46.35 -16.84
CA GLU A 221 -12.56 46.14 -17.90
C GLU A 221 -12.32 44.64 -17.99
N PRO A 222 -12.99 43.94 -18.91
CA PRO A 222 -12.71 42.50 -19.09
C PRO A 222 -11.29 42.28 -19.59
N THR A 223 -10.77 41.08 -19.32
CA THR A 223 -9.39 40.76 -19.68
C THR A 223 -9.34 39.44 -20.45
N GLU A 224 -8.35 39.36 -21.35
CA GLU A 224 -8.10 38.15 -22.13
C GLU A 224 -7.08 37.28 -21.39
N ASP A 225 -7.56 36.71 -20.27
CA ASP A 225 -6.74 35.87 -19.40
C ASP A 225 -7.69 35.05 -18.53
N LEU A 226 -7.10 34.05 -17.82
CA LEU A 226 -7.92 33.08 -17.11
C LEU A 226 -8.85 33.75 -16.09
N LEU A 227 -8.36 34.74 -15.35
CA LEU A 227 -9.20 35.44 -14.37
C LEU A 227 -10.39 36.12 -15.03
N GLY A 228 -10.18 36.75 -16.20
CA GLY A 228 -11.29 37.34 -16.91
C GLY A 228 -12.31 36.32 -17.35
N GLY A 229 -11.84 35.17 -17.81
CA GLY A 229 -12.77 34.10 -18.16
C GLY A 229 -13.63 33.68 -16.99
N LEU A 230 -13.05 33.63 -15.78
CA LEU A 230 -13.74 33.15 -14.59
C LEU A 230 -14.79 34.15 -14.10
N VAL A 231 -14.49 35.45 -14.15
CA VAL A 231 -15.51 36.44 -13.81
C VAL A 231 -16.67 36.39 -14.80
N ARG A 232 -16.37 36.28 -16.11
CA ARG A 232 -17.45 36.16 -17.07
C ARG A 232 -18.28 34.90 -16.84
N ALA A 233 -17.64 33.78 -16.44
CA ALA A 233 -18.43 32.59 -16.11
C ALA A 233 -19.29 32.81 -14.87
N ARG A 234 -18.82 33.63 -13.93
CA ARG A 234 -19.70 33.93 -12.80
C ARG A 234 -20.80 34.90 -13.17
N ASP A 235 -20.45 35.98 -13.89
CA ASP A 235 -21.42 37.06 -14.13
C ASP A 235 -22.45 36.68 -15.19
N ARG A 236 -22.07 35.91 -16.21
CA ARG A 236 -23.02 35.61 -17.28
C ARG A 236 -23.46 34.15 -17.34
N ASP A 237 -22.83 33.24 -16.61
CA ASP A 237 -23.37 31.89 -16.45
C ASP A 237 -23.81 31.59 -15.03
N GLY A 238 -23.34 32.34 -14.03
CA GLY A 238 -23.60 31.98 -12.65
C GLY A 238 -23.20 30.56 -12.32
N SER A 239 -22.05 30.10 -12.83
CA SER A 239 -21.64 28.73 -12.57
C SER A 239 -20.90 28.60 -11.24
N CYS A 240 -20.53 29.72 -10.63
CA CYS A 240 -19.88 29.68 -9.34
C CYS A 240 -20.27 30.92 -8.54
N SER A 241 -20.26 30.78 -7.22
CA SER A 241 -20.49 31.92 -6.35
C SER A 241 -19.28 32.83 -6.35
N GLU A 242 -19.41 33.99 -5.70
CA GLU A 242 -18.33 34.98 -5.71
C GLU A 242 -17.13 34.51 -4.90
N GLU A 243 -17.39 33.82 -3.78
CA GLU A 243 -16.31 33.27 -2.97
C GLU A 243 -15.67 32.05 -3.64
N GLU A 244 -16.47 31.25 -4.36
CA GLU A 244 -15.90 30.15 -5.14
C GLU A 244 -14.96 30.69 -6.22
N LEU A 245 -15.32 31.82 -6.82
CA LEU A 245 -14.43 32.44 -7.80
C LEU A 245 -13.11 32.87 -7.17
N VAL A 246 -13.18 33.50 -5.99
CA VAL A 246 -11.97 34.00 -5.33
C VAL A 246 -11.09 32.85 -4.83
N ASP A 247 -11.70 31.78 -4.33
CA ASP A 247 -10.94 30.61 -3.86
C ASP A 247 -10.20 29.93 -5.01
N LEU A 248 -10.90 29.76 -6.14
CA LEU A 248 -10.29 29.15 -7.31
C LEU A 248 -9.12 30.00 -7.81
N ALA A 249 -9.27 31.33 -7.78
CA ALA A 249 -8.18 32.18 -8.25
C ALA A 249 -7.00 32.10 -7.30
N ASN A 250 -7.27 32.06 -6.00
CA ASN A 250 -6.19 31.99 -5.01
C ASN A 250 -5.40 30.68 -5.15
N VAL A 251 -6.10 29.54 -5.18
CA VAL A 251 -5.43 28.25 -5.28
C VAL A 251 -4.55 28.17 -6.51
N LEU A 252 -5.07 28.63 -7.66
CA LEU A 252 -4.28 28.61 -8.87
C LEU A 252 -3.02 29.48 -8.72
N LEU A 253 -3.12 30.62 -8.05
CA LEU A 253 -1.91 31.42 -7.90
C LEU A 253 -0.94 30.82 -6.89
N LEU A 254 -1.46 30.20 -5.81
CA LEU A 254 -0.58 29.57 -4.83
C LEU A 254 0.24 28.46 -5.47
N ALA A 255 -0.44 27.57 -6.20
CA ALA A 255 0.18 26.39 -6.79
C ALA A 255 1.15 26.73 -7.92
N GLY A 256 0.86 27.78 -8.69
CA GLY A 256 1.73 28.12 -9.80
C GLY A 256 2.91 28.96 -9.40
N TYR A 257 2.73 29.82 -8.38
CA TYR A 257 3.79 30.71 -7.91
C TYR A 257 4.71 30.05 -6.88
N HIS A 258 4.17 29.20 -6.02
CA HIS A 258 4.94 28.64 -4.92
C HIS A 258 5.15 27.14 -5.02
N THR A 259 4.10 26.34 -5.23
CA THR A 259 4.31 24.90 -5.23
C THR A 259 5.23 24.47 -6.38
N THR A 260 5.16 25.18 -7.52
CA THR A 260 5.95 24.80 -8.68
C THR A 260 7.40 25.20 -8.52
N ALA A 261 7.65 26.40 -7.99
CA ALA A 261 9.02 26.83 -7.72
C ALA A 261 9.69 26.00 -6.62
N SER A 262 8.91 25.45 -5.68
CA SER A 262 9.50 24.58 -4.67
C SER A 262 9.94 23.25 -5.26
N GLN A 263 9.11 22.68 -6.16
CA GLN A 263 9.49 21.45 -6.84
C GLN A 263 10.67 21.65 -7.77
N LEU A 264 10.70 22.78 -8.48
CA LEU A 264 11.79 23.00 -9.43
C LEU A 264 13.10 23.22 -8.70
N ALA A 265 13.10 24.08 -7.66
CA ALA A 265 14.30 24.27 -6.85
C ALA A 265 14.73 22.97 -6.20
N SER A 266 13.79 22.16 -5.73
CA SER A 266 14.17 20.89 -5.16
C SER A 266 14.78 19.98 -6.21
N SER A 267 14.15 19.90 -7.39
CA SER A 267 14.69 19.10 -8.48
C SER A 267 16.06 19.59 -8.91
N LEU A 268 16.29 20.90 -8.86
CA LEU A 268 17.61 21.41 -9.19
C LEU A 268 18.64 21.03 -8.13
N PHE A 269 18.26 21.08 -6.86
CA PHE A 269 19.13 20.58 -5.80
C PHE A 269 19.54 19.13 -6.05
N VAL A 270 18.59 18.27 -6.43
CA VAL A 270 18.92 16.86 -6.63
C VAL A 270 19.94 16.69 -7.76
N LEU A 271 19.70 17.35 -8.90
CA LEU A 271 20.60 17.24 -10.05
C LEU A 271 21.97 17.86 -9.78
N LEU A 272 22.03 18.90 -8.93
CA LEU A 272 23.31 19.54 -8.64
C LEU A 272 24.11 18.76 -7.59
N THR A 273 23.45 18.02 -6.70
CA THR A 273 24.17 17.21 -5.73
C THR A 273 24.35 15.77 -6.18
N GLN A 274 23.65 15.31 -7.22
CA GLN A 274 23.88 14.00 -7.83
C GLN A 274 24.25 14.24 -9.28
N PRO A 275 25.44 14.82 -9.52
CA PRO A 275 25.72 15.43 -10.84
C PRO A 275 25.94 14.43 -11.96
N GLU A 276 26.19 13.16 -11.66
CA GLU A 276 26.28 12.20 -12.74
C GLU A 276 24.94 12.04 -13.46
N HIS A 277 23.83 12.32 -12.75
CA HIS A 277 22.49 12.30 -13.33
C HIS A 277 22.21 13.54 -14.16
N ALA A 278 22.67 14.70 -13.67
CA ALA A 278 22.68 15.93 -14.46
C ALA A 278 23.39 15.69 -15.80
N GLU A 279 24.63 15.20 -15.73
CA GLU A 279 25.40 14.95 -16.96
C GLU A 279 24.69 13.97 -17.87
N LEU A 280 24.02 12.97 -17.31
CA LEU A 280 23.26 12.02 -18.13
C LEU A 280 22.11 12.72 -18.86
N LEU A 281 21.33 13.54 -18.14
CA LEU A 281 20.26 14.31 -18.77
C LEU A 281 20.81 15.29 -19.80
N ARG A 282 21.94 15.92 -19.49
CA ARG A 282 22.54 16.86 -20.44
C ARG A 282 23.04 16.15 -21.70
N SER A 283 23.67 14.97 -21.53
CA SER A 283 24.21 14.26 -22.69
C SER A 283 23.13 13.62 -23.53
N ARG A 284 21.93 13.45 -22.99
CA ARG A 284 20.81 12.89 -23.76
C ARG A 284 19.53 13.66 -23.41
N PRO A 285 19.36 14.87 -23.95
CA PRO A 285 18.24 15.72 -23.55
C PRO A 285 16.85 15.16 -23.88
N GLU A 286 16.76 14.04 -24.59
CA GLU A 286 15.47 13.44 -24.90
C GLU A 286 14.93 12.57 -23.76
N LEU A 287 15.71 12.36 -22.70
CA LEU A 287 15.20 11.73 -21.48
C LEU A 287 14.23 12.65 -20.74
N ALA A 288 14.30 13.97 -20.99
CA ALA A 288 13.60 15.01 -20.20
C ALA A 288 12.17 14.66 -19.78
N PRO A 289 11.30 14.11 -20.63
CA PRO A 289 9.98 13.73 -20.12
C PRO A 289 10.03 12.64 -19.06
N ARG A 290 10.94 11.66 -19.18
CA ARG A 290 11.10 10.67 -18.12
C ARG A 290 11.79 11.26 -16.89
N ALA A 291 12.74 12.16 -17.10
CA ALA A 291 13.48 12.74 -15.98
C ALA A 291 12.61 13.64 -15.14
N VAL A 292 11.62 14.30 -15.78
CA VAL A 292 10.70 15.19 -15.06
C VAL A 292 9.75 14.38 -14.18
N GLU A 293 9.18 13.31 -14.73
CA GLU A 293 8.32 12.43 -13.92
C GLU A 293 9.10 11.79 -12.76
N GLU A 294 10.35 11.38 -13.02
CA GLU A 294 11.15 10.78 -11.95
C GLU A 294 11.53 11.80 -10.90
N LEU A 295 11.86 13.02 -11.31
CA LEU A 295 12.13 14.04 -10.32
C LEU A 295 10.87 14.37 -9.53
N LEU A 296 9.68 14.18 -10.12
CA LEU A 296 8.43 14.38 -9.38
C LEU A 296 8.20 13.27 -8.37
N ARG A 297 8.52 12.01 -8.75
CA ARG A 297 8.34 10.88 -7.85
C ARG A 297 9.34 10.92 -6.71
N TYR A 298 10.60 11.21 -7.02
CA TYR A 298 11.69 11.03 -6.06
C TYR A 298 11.77 12.18 -5.07
N VAL A 299 11.62 13.41 -5.56
CA VAL A 299 11.58 14.59 -4.68
C VAL A 299 10.38 14.47 -3.76
N PRO A 300 10.56 14.41 -2.42
CA PRO A 300 9.39 14.51 -1.54
C PRO A 300 8.98 15.98 -1.45
N LEU A 301 8.06 16.46 -2.32
CA LEU A 301 7.72 17.87 -2.29
C LEU A 301 6.84 18.18 -1.10
N ILE A 302 5.82 17.34 -0.88
CA ILE A 302 4.94 17.47 0.27
C ILE A 302 5.74 17.19 1.53
N ALA A 303 5.80 18.17 2.44
CA ALA A 303 6.61 18.01 3.66
C ALA A 303 6.21 16.78 4.45
N HIS A 304 4.90 16.49 4.52
CA HIS A 304 4.47 15.33 5.28
C HIS A 304 3.31 14.61 4.58
N VAL A 305 2.12 15.20 4.61
CA VAL A 305 0.94 14.57 4.04
C VAL A 305 0.16 15.60 3.23
N THR A 306 -0.68 15.09 2.33
CA THR A 306 -1.62 15.95 1.61
C THR A 306 -2.89 16.14 2.46
N PHE A 307 -3.95 16.66 1.85
CA PHE A 307 -5.16 17.03 2.56
C PHE A 307 -5.94 15.80 3.01
N ALA A 308 -6.53 15.90 4.20
CA ALA A 308 -7.29 14.80 4.76
C ALA A 308 -8.56 14.51 3.97
N ARG A 309 -8.92 13.22 3.96
CA ARG A 309 -10.24 12.73 3.59
C ARG A 309 -10.95 12.21 4.83
N TYR A 310 -12.28 12.29 4.82
CA TYR A 310 -13.12 11.64 5.82
C TYR A 310 -13.89 10.54 5.15
N ALA A 311 -13.86 9.35 5.74
CA ALA A 311 -14.73 8.30 5.26
C ALA A 311 -16.18 8.69 5.49
N THR A 312 -17.04 8.32 4.54
CA THR A 312 -18.46 8.56 4.65
C THR A 312 -19.21 7.25 4.83
N GLU A 313 -18.49 6.14 4.88
CA GLU A 313 -19.02 4.87 5.33
C GLU A 313 -17.82 4.03 5.73
N ASP A 314 -18.10 2.83 6.24
CA ASP A 314 -17.04 1.98 6.78
C ASP A 314 -16.15 1.48 5.64
N VAL A 315 -14.84 1.65 5.77
CA VAL A 315 -13.86 1.19 4.78
C VAL A 315 -12.72 0.44 5.47
N TRP A 316 -12.44 -0.77 5.02
CA TRP A 316 -11.32 -1.55 5.52
C TRP A 316 -10.13 -1.41 4.58
N LEU A 317 -8.98 -1.05 5.15
CA LEU A 317 -7.73 -1.04 4.41
C LEU A 317 -6.59 -0.89 5.41
N GLY A 318 -5.42 -1.41 5.07
CA GLY A 318 -4.27 -1.34 5.96
C GLY A 318 -4.56 -1.87 7.35
N GLY A 319 -5.13 -3.07 7.43
CA GLY A 319 -5.35 -3.73 8.71
C GLY A 319 -6.29 -2.98 9.64
N THR A 320 -7.14 -2.12 9.08
CA THR A 320 -7.97 -1.18 9.84
C THR A 320 -9.31 -0.97 9.14
N LEU A 321 -10.41 -1.22 9.86
CA LEU A 321 -11.74 -0.79 9.41
C LEU A 321 -11.87 0.67 9.79
N VAL A 322 -11.61 1.57 8.84
CA VAL A 322 -11.83 3.00 9.05
C VAL A 322 -13.33 3.26 9.08
N ARG A 323 -13.81 3.88 10.15
CA ARG A 323 -15.24 4.05 10.35
C ARG A 323 -15.72 5.36 9.73
N ALA A 324 -16.99 5.36 9.32
CA ALA A 324 -17.63 6.59 8.85
C ALA A 324 -17.39 7.70 9.86
N GLY A 325 -16.94 8.85 9.38
CA GLY A 325 -16.59 9.97 10.22
C GLY A 325 -15.12 10.08 10.58
N GLU A 326 -14.31 9.08 10.24
CA GLU A 326 -12.90 9.06 10.67
C GLU A 326 -12.00 9.61 9.57
N ALA A 327 -10.92 10.26 9.99
CA ALA A 327 -10.03 10.93 9.08
C ALA A 327 -8.85 10.03 8.67
N VAL A 328 -8.45 10.17 7.40
CA VAL A 328 -7.26 9.52 6.85
C VAL A 328 -6.37 10.60 6.25
N LEU A 329 -5.06 10.46 6.42
CA LEU A 329 -4.06 11.40 5.92
C LEU A 329 -3.16 10.69 4.91
N PRO A 330 -3.17 11.09 3.63
CA PRO A 330 -2.36 10.33 2.63
C PRO A 330 -0.92 10.82 2.58
N ALA A 331 0.05 9.96 2.93
CA ALA A 331 1.46 10.37 2.89
C ALA A 331 2.01 10.08 1.49
N VAL A 332 1.74 11.04 0.59
CA VAL A 332 2.11 10.87 -0.82
C VAL A 332 3.60 10.60 -1.03
N PRO A 333 4.54 11.28 -0.36
CA PRO A 333 5.95 10.98 -0.62
C PRO A 333 6.33 9.54 -0.29
N SER A 334 5.72 8.97 0.76
CA SER A 334 5.98 7.57 1.12
C SER A 334 5.45 6.61 0.06
N ALA A 335 4.25 6.87 -0.46
CA ALA A 335 3.74 6.09 -1.58
C ALA A 335 4.70 6.13 -2.78
N ASN A 336 5.34 7.26 -3.01
CA ASN A 336 6.24 7.39 -4.14
C ASN A 336 7.56 6.63 -3.95
N ARG A 337 7.80 6.02 -2.78
CA ARG A 337 8.96 5.18 -2.54
C ARG A 337 8.59 3.72 -2.39
N ASP A 338 7.36 3.34 -2.73
CA ASP A 338 6.85 2.02 -2.39
C ASP A 338 7.52 0.96 -3.25
N ALA A 339 8.30 0.08 -2.60
CA ALA A 339 9.08 -0.98 -3.26
C ALA A 339 8.24 -1.98 -4.01
N GLU A 340 6.91 -2.00 -3.83
CA GLU A 340 6.08 -2.93 -4.59
C GLU A 340 5.58 -2.32 -5.89
N VAL A 341 5.98 -1.10 -6.23
CA VAL A 341 5.56 -0.46 -7.46
C VAL A 341 6.78 0.04 -8.23
N PHE A 342 7.80 0.50 -7.52
CA PHE A 342 8.98 1.09 -8.14
C PHE A 342 10.23 0.28 -7.81
N ASP A 343 10.95 -0.17 -8.86
CA ASP A 343 12.21 -0.85 -8.65
C ASP A 343 13.24 0.14 -8.13
N GLU A 344 14.05 -0.30 -7.16
CA GLU A 344 15.02 0.52 -6.44
C GLU A 344 14.41 1.89 -6.14
N PRO A 345 13.34 1.94 -5.36
CA PRO A 345 12.59 3.21 -5.22
C PRO A 345 13.42 4.34 -4.65
N ASP A 346 14.43 4.07 -3.82
CA ASP A 346 15.19 5.16 -3.18
C ASP A 346 16.37 5.62 -4.01
N ARG A 347 16.50 5.14 -5.25
CA ARG A 347 17.54 5.55 -6.18
C ARG A 347 16.90 6.31 -7.35
N LEU A 348 17.48 7.47 -7.64
CA LEU A 348 17.04 8.29 -8.78
C LEU A 348 17.37 7.59 -10.09
N ASP A 349 16.35 7.26 -10.89
CA ASP A 349 16.55 6.69 -12.22
C ASP A 349 15.84 7.58 -13.24
N LEU A 350 16.55 8.57 -13.77
CA LEU A 350 15.95 9.47 -14.74
C LEU A 350 15.54 8.79 -16.04
N THR A 351 15.78 7.49 -16.20
CA THR A 351 15.42 6.81 -17.43
C THR A 351 14.24 5.88 -17.29
N ARG A 352 13.75 5.62 -16.06
CA ARG A 352 12.54 4.82 -15.86
C ARG A 352 11.47 5.17 -16.89
N ARG A 353 10.91 4.15 -17.55
CA ARG A 353 9.98 4.41 -18.64
C ARG A 353 8.54 4.54 -18.12
N HIS A 354 8.07 3.57 -17.34
CA HIS A 354 6.74 3.59 -16.72
C HIS A 354 6.87 4.05 -15.27
N ASN A 355 6.10 5.07 -14.89
CA ASN A 355 6.33 5.80 -13.65
C ASN A 355 5.01 6.24 -13.03
N PRO A 356 4.21 5.26 -12.46
CA PRO A 356 2.89 5.56 -11.91
C PRO A 356 2.93 6.21 -10.53
N HIS A 357 3.71 7.28 -10.42
CA HIS A 357 3.84 8.05 -9.18
C HIS A 357 2.56 8.80 -8.85
N LEU A 358 2.43 9.19 -7.58
CA LEU A 358 1.28 9.95 -7.08
C LEU A 358 1.63 11.40 -6.77
N ALA A 359 2.73 11.91 -7.32
CA ALA A 359 3.13 13.28 -6.96
C ALA A 359 2.10 14.34 -7.37
N PHE A 360 1.23 14.04 -8.33
CA PHE A 360 0.15 14.93 -8.76
C PHE A 360 -1.19 14.49 -8.20
N GLY A 361 -1.20 13.59 -7.21
CA GLY A 361 -2.41 13.03 -6.72
C GLY A 361 -2.88 11.89 -7.60
N HIS A 362 -4.16 11.55 -7.48
CA HIS A 362 -4.69 10.38 -8.15
C HIS A 362 -6.20 10.49 -8.29
N GLY A 363 -6.70 10.20 -9.49
CA GLY A 363 -8.15 10.12 -9.67
C GLY A 363 -8.79 11.50 -9.71
N LEU A 364 -9.86 11.65 -8.94
CA LEU A 364 -10.76 12.79 -9.09
C LEU A 364 -10.05 14.15 -8.91
N HIS A 365 -9.10 14.24 -7.98
CA HIS A 365 -8.43 15.50 -7.67
C HIS A 365 -7.01 15.56 -8.23
N HIS A 366 -6.73 14.78 -9.26
CA HIS A 366 -5.41 14.79 -9.88
C HIS A 366 -5.06 16.20 -10.32
N CYS A 367 -3.79 16.56 -10.14
CA CYS A 367 -3.33 17.94 -10.24
C CYS A 367 -3.73 18.61 -11.54
N LEU A 368 -4.47 19.72 -11.42
CA LEU A 368 -4.90 20.45 -12.61
C LEU A 368 -3.72 20.98 -13.39
N GLY A 369 -2.68 21.42 -12.70
CA GLY A 369 -1.54 22.03 -13.36
C GLY A 369 -0.49 21.02 -13.79
N ALA A 370 -0.88 19.75 -13.91
CA ALA A 370 0.09 18.69 -14.22
C ALA A 370 0.86 19.00 -15.48
N SER A 371 0.16 19.21 -16.61
CA SER A 371 0.84 19.51 -17.88
C SER A 371 1.63 20.80 -17.81
N LEU A 372 1.08 21.82 -17.14
CA LEU A 372 1.81 23.08 -17.07
C LEU A 372 3.15 22.91 -16.37
N VAL A 373 3.17 22.12 -15.28
CA VAL A 373 4.41 21.88 -14.54
C VAL A 373 5.38 21.09 -15.41
N ARG A 374 4.89 20.06 -16.11
CA ARG A 374 5.75 19.24 -16.97
C ARG A 374 6.48 20.09 -18.00
N VAL A 375 5.75 20.98 -18.68
CA VAL A 375 6.34 21.76 -19.75
C VAL A 375 7.32 22.78 -19.19
N GLN A 376 6.97 23.43 -18.07
CA GLN A 376 7.95 24.29 -17.41
C GLN A 376 9.18 23.52 -16.96
N MET A 377 9.03 22.26 -16.56
CA MET A 377 10.20 21.56 -16.04
C MET A 377 11.08 21.05 -17.18
N GLU A 378 10.47 20.39 -18.17
CA GLU A 378 11.22 19.96 -19.37
C GLU A 378 11.99 21.12 -19.99
N VAL A 379 11.33 22.26 -20.18
CA VAL A 379 12.01 23.36 -20.84
C VAL A 379 13.09 23.95 -19.95
N ALA A 380 12.80 24.16 -18.67
CA ALA A 380 13.81 24.74 -17.78
C ALA A 380 15.01 23.83 -17.62
N LEU A 381 14.78 22.53 -17.47
CA LEU A 381 15.91 21.63 -17.23
C LEU A 381 16.77 21.51 -18.48
N THR A 382 16.13 21.44 -19.66
CA THR A 382 16.85 21.25 -20.91
C THR A 382 17.75 22.44 -21.20
N MET A 383 17.19 23.64 -21.24
CA MET A 383 18.01 24.80 -21.55
C MET A 383 19.09 25.03 -20.50
N LEU A 384 18.73 24.92 -19.22
CA LEU A 384 19.72 25.13 -18.16
C LEU A 384 20.91 24.20 -18.34
N LEU A 385 20.65 22.90 -18.47
CA LEU A 385 21.75 21.97 -18.68
C LEU A 385 22.45 22.25 -20.01
N GLY A 386 21.69 22.57 -21.05
CA GLY A 386 22.30 22.79 -22.36
C GLY A 386 23.22 24.00 -22.38
N ARG A 387 22.78 25.13 -21.82
CA ARG A 387 23.53 26.37 -21.92
C ARG A 387 24.66 26.50 -20.89
N PHE A 388 24.74 25.58 -19.94
CA PHE A 388 25.72 25.64 -18.85
C PHE A 388 26.20 24.23 -18.61
N PRO A 389 27.03 23.70 -19.52
CA PRO A 389 27.41 22.29 -19.44
C PRO A 389 28.27 21.98 -18.23
N ASP A 390 28.83 22.98 -17.57
CA ASP A 390 29.71 22.75 -16.44
C ASP A 390 29.06 23.22 -15.14
N LEU A 391 27.74 23.34 -15.13
CA LEU A 391 27.04 23.95 -14.01
C LEU A 391 27.14 23.06 -12.77
N ALA A 392 27.40 23.69 -11.63
CA ALA A 392 27.64 22.98 -10.38
C ALA A 392 27.32 23.94 -9.25
N LEU A 393 27.12 23.39 -8.05
CA LEU A 393 26.91 24.21 -6.87
C LEU A 393 28.18 24.98 -6.53
N ALA A 394 28.00 26.16 -5.92
CA ALA A 394 29.09 27.01 -5.46
C ALA A 394 29.23 26.96 -3.94
N ALA A 395 28.59 26.00 -3.29
CA ALA A 395 28.67 25.86 -1.86
C ALA A 395 28.50 24.38 -1.53
N PRO A 396 28.84 23.96 -0.31
CA PRO A 396 28.64 22.55 0.05
C PRO A 396 27.16 22.22 0.14
N PRO A 397 26.76 21.06 -0.37
CA PRO A 397 25.32 20.72 -0.39
C PRO A 397 24.65 20.83 0.97
N ASP A 398 25.37 20.57 2.05
CA ASP A 398 24.80 20.64 3.38
C ASP A 398 24.60 22.08 3.86
N GLU A 399 25.25 23.04 3.22
CA GLU A 399 25.09 24.43 3.62
C GLU A 399 24.13 25.20 2.72
N VAL A 400 23.47 24.53 1.78
CA VAL A 400 22.31 25.12 1.12
C VAL A 400 21.20 25.29 2.15
N PRO A 401 20.58 26.46 2.29
CA PRO A 401 19.50 26.62 3.29
C PRO A 401 18.14 26.20 2.77
N TRP A 402 17.32 25.66 3.68
CA TRP A 402 16.02 25.08 3.33
C TRP A 402 14.89 25.75 4.10
N THR A 403 13.74 25.89 3.44
CA THR A 403 12.54 26.36 4.13
C THR A 403 12.28 25.48 5.34
N ARG A 404 11.95 26.10 6.47
CA ARG A 404 11.71 25.37 7.72
C ARG A 404 10.28 25.62 8.20
N GLY A 405 9.60 24.54 8.58
CA GLY A 405 8.26 24.67 9.10
C GLY A 405 7.18 24.97 8.10
N MET A 406 7.39 24.62 6.83
CA MET A 406 6.44 24.86 5.74
C MET A 406 5.94 23.54 5.17
N GLN A 407 4.86 23.64 4.38
CA GLN A 407 4.12 22.49 3.87
C GLN A 407 4.75 21.89 2.62
N ALA A 408 5.48 22.68 1.84
CA ALA A 408 6.24 22.21 0.69
C ALA A 408 7.72 22.52 0.92
N ARG A 409 8.57 21.52 0.68
CA ARG A 409 10.01 21.63 0.92
C ARG A 409 10.67 22.35 -0.25
N SER A 410 11.66 23.19 0.06
CA SER A 410 12.38 23.87 -1.00
C SER A 410 13.67 24.45 -0.44
N PRO A 411 14.74 24.48 -1.23
CA PRO A 411 15.89 25.31 -0.85
C PRO A 411 15.50 26.77 -0.90
N LEU A 412 16.04 27.54 0.03
CA LEU A 412 15.80 28.97 0.00
C LEU A 412 16.79 29.71 -0.89
N ARG A 413 17.98 29.15 -1.10
CA ARG A 413 18.95 29.66 -2.05
C ARG A 413 19.61 28.49 -2.74
N LEU A 414 19.96 28.67 -4.01
CA LEU A 414 20.68 27.65 -4.78
C LEU A 414 21.90 28.26 -5.45
N PRO A 415 22.96 28.54 -4.69
CA PRO A 415 24.14 29.21 -5.27
C PRO A 415 24.84 28.29 -6.25
N VAL A 416 25.09 28.79 -7.46
CA VAL A 416 25.71 27.96 -8.50
C VAL A 416 26.77 28.75 -9.25
N THR A 417 27.61 27.99 -9.96
CA THR A 417 28.72 28.51 -10.73
C THR A 417 28.78 27.68 -12.02
N TRP A 418 29.56 28.14 -13.00
CA TRP A 418 29.72 27.37 -14.24
C TRP A 418 30.96 27.86 -15.00
N THR B 24 24.49 -22.28 24.71
CA THR B 24 23.31 -22.90 24.12
C THR B 24 22.64 -23.89 25.08
N PRO B 25 21.43 -23.54 25.53
CA PRO B 25 20.71 -24.38 26.49
C PRO B 25 20.43 -25.78 25.95
N ALA B 26 20.08 -26.68 26.88
CA ALA B 26 19.66 -28.02 26.48
C ALA B 26 18.41 -27.89 25.62
N PRO B 27 18.39 -28.43 24.40
CA PRO B 27 17.21 -28.29 23.54
C PRO B 27 15.99 -29.02 24.09
N VAL B 28 14.85 -28.34 24.00
CA VAL B 28 13.55 -28.84 24.46
C VAL B 28 12.81 -29.43 23.27
N ARG B 29 12.17 -30.57 23.46
CA ARG B 29 11.43 -31.21 22.38
C ARG B 29 10.31 -30.29 21.87
N TYR B 30 10.26 -30.10 20.55
CA TYR B 30 9.22 -29.33 19.91
C TYR B 30 8.70 -30.06 18.67
N PRO B 31 7.39 -30.12 18.44
CA PRO B 31 6.19 -29.58 19.11
C PRO B 31 5.98 -30.04 20.54
N PHE B 32 5.40 -29.17 21.37
CA PHE B 32 5.12 -29.54 22.76
C PHE B 32 4.11 -30.68 22.84
N GLY B 33 3.32 -30.88 21.80
CA GLY B 33 2.34 -31.95 21.79
C GLY B 33 1.47 -31.81 20.57
N GLU B 34 0.65 -32.83 20.36
CA GLU B 34 -0.41 -32.74 19.36
C GLU B 34 -1.18 -31.44 19.52
N ALA B 35 -1.45 -30.78 18.39
CA ALA B 35 -2.40 -29.67 18.38
C ALA B 35 -3.81 -30.24 18.46
N VAL B 36 -4.55 -29.86 19.51
CA VAL B 36 -5.90 -30.35 19.74
C VAL B 36 -6.87 -29.22 19.41
N ARG B 37 -7.87 -29.54 18.58
CA ARG B 37 -8.85 -28.57 18.11
C ARG B 37 -8.22 -27.22 17.85
N LEU B 38 -8.72 -26.15 18.47
CA LEU B 38 -8.14 -24.84 18.28
C LEU B 38 -7.34 -24.36 19.48
N ASP B 39 -7.07 -25.26 20.43
CA ASP B 39 -6.41 -24.87 21.67
C ASP B 39 -4.94 -24.60 21.44
N LEU B 40 -4.39 -23.69 22.23
CA LEU B 40 -2.96 -23.39 22.19
C LEU B 40 -2.29 -23.89 23.47
N HIS B 41 -1.22 -24.66 23.31
CA HIS B 41 -0.47 -25.20 24.43
C HIS B 41 -0.05 -24.06 25.38
N PRO B 42 -0.02 -24.30 26.69
CA PRO B 42 0.26 -23.20 27.64
C PRO B 42 1.63 -22.62 27.54
N THR B 43 2.59 -23.35 26.97
CA THR B 43 3.95 -22.86 27.01
C THR B 43 4.12 -21.59 26.20
N TYR B 44 3.30 -21.38 25.17
CA TYR B 44 3.48 -20.21 24.30
C TYR B 44 3.35 -18.92 25.10
N ALA B 45 2.26 -18.81 25.88
CA ALA B 45 2.02 -17.60 26.69
C ALA B 45 3.09 -17.43 27.76
N GLU B 46 3.55 -18.54 28.36
CA GLU B 46 4.67 -18.46 29.29
C GLU B 46 5.89 -17.87 28.60
N LEU B 47 6.21 -18.35 27.38
CA LEU B 47 7.36 -17.82 26.64
C LEU B 47 7.14 -16.35 26.24
N ARG B 48 5.93 -15.98 25.82
CA ARG B 48 5.67 -14.57 25.58
C ARG B 48 5.94 -13.75 26.83
N GLU B 49 5.55 -14.29 28.00
CA GLU B 49 5.82 -13.58 29.25
C GLU B 49 7.30 -13.49 29.59
N ARG B 50 8.11 -14.47 29.18
CA ARG B 50 9.54 -14.47 29.54
C ARG B 50 10.39 -13.56 28.67
N ARG B 51 9.95 -13.27 27.44
CA ARG B 51 10.69 -12.38 26.54
C ARG B 51 12.00 -12.98 26.07
N THR B 52 12.07 -14.32 26.03
CA THR B 52 13.25 -15.07 25.60
C THR B 52 12.86 -16.09 24.53
N LEU B 53 13.80 -16.39 23.63
CA LEU B 53 13.60 -17.53 22.73
C LEU B 53 13.83 -18.84 23.47
N LEU B 54 13.33 -19.93 22.89
CA LEU B 54 13.43 -21.27 23.47
C LEU B 54 14.15 -22.19 22.49
N ARG B 55 15.38 -22.57 22.83
CA ARG B 55 16.11 -23.57 22.05
C ARG B 55 15.34 -24.87 22.05
N VAL B 56 15.00 -25.37 20.85
CA VAL B 56 14.12 -26.52 20.73
C VAL B 56 14.74 -27.53 19.77
N ARG B 57 14.28 -28.78 19.89
CA ARG B 57 14.69 -29.89 19.04
C ARG B 57 13.46 -30.40 18.32
N VAL B 58 13.49 -30.35 17.00
CA VAL B 58 12.30 -30.58 16.18
C VAL B 58 12.40 -31.96 15.55
N PRO B 59 11.32 -32.50 14.96
CA PRO B 59 11.39 -33.88 14.48
C PRO B 59 12.43 -34.12 13.39
N HIS B 60 12.75 -33.12 12.58
CA HIS B 60 13.69 -33.32 11.48
C HIS B 60 14.49 -32.04 11.26
N GLY B 61 15.78 -32.19 10.96
CA GLY B 61 16.63 -31.08 10.65
C GLY B 61 17.37 -30.52 11.85
N ASP B 62 17.98 -29.35 11.66
CA ASP B 62 18.69 -28.68 12.74
C ASP B 62 17.73 -28.34 13.87
N ASP B 63 18.33 -28.17 15.06
CA ASP B 63 17.71 -27.47 16.19
C ASP B 63 17.42 -26.02 15.83
N ALA B 64 16.54 -25.39 16.61
CA ALA B 64 16.11 -24.04 16.27
C ALA B 64 15.66 -23.27 17.51
N TRP B 65 15.59 -21.95 17.37
CA TRP B 65 15.04 -21.10 18.40
C TRP B 65 13.56 -20.86 18.09
N LEU B 66 12.70 -21.13 19.06
CA LEU B 66 11.27 -20.85 18.89
C LEU B 66 11.00 -19.39 19.22
N VAL B 67 10.22 -18.73 18.37
CA VAL B 67 9.94 -17.30 18.48
C VAL B 67 8.43 -17.12 18.62
N THR B 68 8.00 -16.40 19.67
CA THR B 68 6.61 -16.45 20.12
C THR B 68 5.94 -15.10 20.35
N ARG B 69 6.68 -14.02 20.61
CA ARG B 69 6.13 -12.68 20.76
C ARG B 69 5.87 -12.04 19.40
N HIS B 70 4.79 -11.26 19.32
CA HIS B 70 4.42 -10.56 18.07
C HIS B 70 5.57 -9.69 17.55
N GLU B 71 6.18 -8.89 18.43
CA GLU B 71 7.28 -8.05 17.94
C GLU B 71 8.44 -8.89 17.43
N ASP B 72 8.64 -10.09 17.98
CA ASP B 72 9.80 -10.91 17.58
C ASP B 72 9.52 -11.73 16.33
N VAL B 73 8.30 -12.25 16.20
CA VAL B 73 7.95 -12.93 14.96
C VAL B 73 7.95 -11.95 13.78
N ARG B 74 7.63 -10.68 14.02
CA ARG B 74 7.77 -9.65 12.99
C ARG B 74 9.23 -9.53 12.54
N THR B 75 10.15 -9.45 13.49
CA THR B 75 11.57 -9.41 13.16
C THR B 75 11.97 -10.61 12.31
N VAL B 76 11.61 -11.83 12.74
CA VAL B 76 12.13 -12.98 12.01
C VAL B 76 11.41 -13.18 10.68
N LEU B 77 10.17 -12.71 10.54
CA LEU B 77 9.49 -12.88 9.26
C LEU B 77 10.02 -11.92 8.21
N THR B 78 10.57 -10.78 8.60
CA THR B 78 10.87 -9.79 7.57
C THR B 78 12.21 -9.06 7.70
N ASP B 79 12.92 -9.12 8.82
CA ASP B 79 14.23 -8.47 8.89
C ASP B 79 15.16 -9.08 7.85
N PRO B 80 15.98 -8.27 7.17
CA PRO B 80 16.84 -8.80 6.10
C PRO B 80 17.97 -9.73 6.56
N ARG B 81 18.26 -9.76 7.86
CA ARG B 81 19.31 -10.60 8.42
C ARG B 81 18.86 -12.04 8.63
N PHE B 82 17.58 -12.34 8.42
CA PHE B 82 17.05 -13.70 8.47
C PHE B 82 16.69 -14.11 7.05
N SER B 83 17.25 -15.22 6.60
CA SER B 83 17.12 -15.61 5.20
C SER B 83 16.25 -16.85 5.06
N ARG B 84 15.46 -16.85 4.01
CA ARG B 84 14.69 -18.02 3.65
C ARG B 84 15.38 -18.87 2.59
N ALA B 85 16.23 -18.27 1.75
CA ALA B 85 16.97 -19.08 0.77
C ALA B 85 18.06 -19.91 1.46
N ALA B 86 18.70 -19.35 2.50
CA ALA B 86 19.78 -20.07 3.17
C ALA B 86 19.32 -21.43 3.69
N ALA B 87 18.03 -21.55 4.05
CA ALA B 87 17.49 -22.85 4.46
C ALA B 87 17.62 -23.90 3.39
N ALA B 88 17.79 -23.49 2.14
CA ALA B 88 17.88 -24.47 1.05
C ALA B 88 19.16 -25.29 1.15
N GLY B 89 20.27 -24.66 1.53
CA GLY B 89 21.49 -25.42 1.71
C GLY B 89 21.72 -26.00 3.10
N ARG B 90 20.66 -26.32 3.83
CA ARG B 90 20.77 -26.89 5.18
C ARG B 90 19.81 -28.07 5.32
N ASP B 91 20.03 -28.87 6.36
CA ASP B 91 19.02 -29.86 6.74
C ASP B 91 18.01 -29.08 7.56
N GLU B 92 17.04 -28.53 6.85
CA GLU B 92 16.25 -27.43 7.40
C GLU B 92 15.45 -27.89 8.62
N ALA B 93 15.66 -27.19 9.73
CA ALA B 93 14.79 -27.32 10.90
C ALA B 93 13.34 -27.29 10.48
N ARG B 94 12.62 -28.38 10.78
CA ARG B 94 11.30 -28.54 10.19
C ARG B 94 10.55 -29.64 10.94
N LEU B 95 9.24 -29.76 10.65
CA LEU B 95 8.37 -30.78 11.24
C LEU B 95 8.06 -31.93 10.30
N THR B 96 8.14 -31.71 9.00
CA THR B 96 7.85 -32.72 7.99
C THR B 96 9.08 -33.61 7.76
N PRO B 97 8.87 -34.86 7.33
CA PRO B 97 10.03 -35.71 7.01
C PRO B 97 10.91 -35.16 5.90
N LEU B 98 10.31 -34.69 4.80
CA LEU B 98 11.06 -34.15 3.67
C LEU B 98 10.96 -32.64 3.61
N VAL B 99 12.08 -32.02 3.22
CA VAL B 99 12.11 -30.58 2.95
C VAL B 99 11.13 -30.25 1.82
N ILE B 100 10.27 -29.25 2.07
CA ILE B 100 9.21 -28.86 1.14
C ILE B 100 9.76 -27.81 0.17
N ARG B 101 9.48 -27.99 -1.12
CA ARG B 101 9.93 -27.03 -2.14
C ARG B 101 8.88 -25.92 -2.25
N THR B 102 9.25 -24.71 -1.86
CA THR B 102 8.28 -23.68 -1.48
C THR B 102 8.22 -22.48 -2.42
N SER B 103 8.85 -22.56 -3.58
CA SER B 103 8.71 -21.57 -4.66
C SER B 103 9.11 -20.19 -4.14
N VAL B 104 8.30 -19.15 -4.37
CA VAL B 104 8.63 -17.78 -3.99
C VAL B 104 8.79 -17.65 -2.47
N MET B 105 8.31 -18.63 -1.73
CA MET B 105 8.38 -18.62 -0.28
C MET B 105 9.71 -19.19 0.24
N GLY B 106 10.52 -19.78 -0.65
CA GLY B 106 11.80 -20.36 -0.30
C GLY B 106 13.01 -19.66 -0.89
N VAL B 107 12.84 -18.40 -1.33
CA VAL B 107 13.91 -17.63 -1.96
C VAL B 107 13.91 -16.23 -1.38
N ASP B 108 15.05 -15.56 -1.48
CA ASP B 108 15.21 -14.15 -1.13
C ASP B 108 15.20 -13.30 -2.39
N PRO B 109 15.22 -11.97 -2.25
CA PRO B 109 15.57 -11.15 -3.40
C PRO B 109 16.95 -11.47 -3.87
N PRO B 110 17.21 -11.39 -5.21
CA PRO B 110 16.28 -10.86 -6.20
C PRO B 110 15.38 -11.93 -6.79
N ASP B 111 15.61 -13.20 -6.45
CA ASP B 111 14.76 -14.27 -6.97
C ASP B 111 13.32 -14.11 -6.54
N HIS B 112 13.10 -13.61 -5.33
CA HIS B 112 11.74 -13.43 -4.85
C HIS B 112 10.99 -12.38 -5.66
N THR B 113 11.65 -11.27 -5.96
CA THR B 113 11.05 -10.21 -6.76
C THR B 113 10.65 -10.72 -8.13
N ARG B 114 11.62 -11.27 -8.87
CA ARG B 114 11.37 -11.85 -10.20
C ARG B 114 10.16 -12.78 -10.22
N LEU B 115 10.06 -13.69 -9.26
CA LEU B 115 8.99 -14.67 -9.32
C LEU B 115 7.64 -14.11 -8.86
N ARG B 116 7.63 -13.28 -7.83
CA ARG B 116 6.37 -12.69 -7.38
C ARG B 116 5.80 -11.73 -8.42
N ARG B 117 6.66 -11.09 -9.23
CA ARG B 117 6.22 -10.13 -10.25
C ARG B 117 5.18 -10.74 -11.19
N LEU B 118 5.29 -12.03 -11.47
CA LEU B 118 4.46 -12.71 -12.46
C LEU B 118 3.04 -12.97 -12.00
N VAL B 119 2.73 -12.73 -10.72
CA VAL B 119 1.43 -13.11 -10.17
C VAL B 119 0.92 -12.02 -9.24
N ALA B 120 1.71 -10.96 -9.05
CA ALA B 120 1.31 -9.91 -8.12
C ALA B 120 -0.03 -9.28 -8.50
N THR B 121 -0.28 -9.09 -9.81
CA THR B 121 -1.46 -8.33 -10.25
C THR B 121 -2.74 -9.16 -10.23
N ALA B 122 -2.65 -10.45 -10.59
CA ALA B 122 -3.81 -11.32 -10.48
C ALA B 122 -4.35 -11.40 -9.06
N PHE B 123 -3.47 -11.33 -8.06
CA PHE B 123 -3.90 -11.52 -6.68
C PHE B 123 -4.12 -10.22 -5.91
N SER B 124 -3.77 -9.07 -6.50
CA SER B 124 -3.96 -7.80 -5.80
C SER B 124 -5.43 -7.60 -5.44
N ARG B 125 -5.67 -6.67 -4.52
CA ARG B 125 -7.05 -6.43 -4.09
C ARG B 125 -7.94 -6.08 -5.29
N ARG B 126 -7.49 -5.19 -6.17
CA ARG B 126 -8.31 -4.78 -7.31
C ARG B 126 -8.58 -5.95 -8.24
N GLY B 127 -7.53 -6.74 -8.55
CA GLY B 127 -7.71 -7.88 -9.42
C GLY B 127 -8.64 -8.93 -8.84
N VAL B 128 -8.53 -9.14 -7.52
CA VAL B 128 -9.40 -10.10 -6.86
C VAL B 128 -10.83 -9.58 -6.82
N GLU B 129 -11.02 -8.26 -6.70
CA GLU B 129 -12.37 -7.72 -6.62
C GLU B 129 -13.18 -8.00 -7.90
N HIS B 130 -12.51 -8.20 -9.04
CA HIS B 130 -13.22 -8.56 -10.25
C HIS B 130 -13.75 -10.00 -10.22
N LEU B 131 -13.26 -10.84 -9.30
CA LEU B 131 -13.77 -12.19 -9.16
C LEU B 131 -14.97 -12.28 -8.22
N ARG B 132 -15.28 -11.18 -7.53
CA ARG B 132 -16.38 -11.18 -6.56
C ARG B 132 -17.73 -11.50 -7.17
N PRO B 133 -18.09 -10.99 -8.37
CA PRO B 133 -19.33 -11.47 -9.00
C PRO B 133 -19.38 -12.98 -9.18
N GLY B 134 -18.29 -13.59 -9.62
CA GLY B 134 -18.30 -15.04 -9.83
C GLY B 134 -18.29 -15.84 -8.55
N ILE B 135 -17.49 -15.40 -7.56
CA ILE B 135 -17.50 -16.01 -6.23
C ILE B 135 -18.89 -15.90 -5.60
N THR B 136 -19.51 -14.73 -5.69
CA THR B 136 -20.86 -14.58 -5.16
C THR B 136 -21.84 -15.51 -5.85
N ALA B 137 -21.72 -15.65 -7.18
CA ALA B 137 -22.64 -16.51 -7.91
C ALA B 137 -22.48 -17.97 -7.49
N LEU B 138 -21.24 -18.38 -7.19
CA LEU B 138 -20.97 -19.77 -6.79
C LEU B 138 -21.48 -20.04 -5.37
N VAL B 139 -21.14 -19.18 -4.41
CA VAL B 139 -21.68 -19.32 -3.06
C VAL B 139 -23.20 -19.36 -3.10
N ARG B 140 -23.83 -18.62 -4.02
CA ARG B 140 -25.28 -18.69 -4.18
C ARG B 140 -25.74 -20.05 -4.68
N ARG B 141 -25.04 -20.59 -5.71
CA ARG B 141 -25.31 -21.95 -6.17
C ARG B 141 -25.04 -23.01 -5.09
N LEU B 142 -24.02 -22.80 -4.25
CA LEU B 142 -23.74 -23.79 -3.20
C LEU B 142 -24.84 -23.81 -2.14
N THR B 143 -25.23 -22.63 -1.62
CA THR B 143 -26.30 -22.61 -0.62
C THR B 143 -27.68 -22.86 -1.25
N ASP B 144 -27.91 -22.44 -2.50
CA ASP B 144 -29.13 -22.88 -3.20
C ASP B 144 -29.22 -24.38 -3.17
N ASP B 145 -28.08 -25.04 -3.34
CA ASP B 145 -28.08 -26.49 -3.43
C ASP B 145 -28.36 -27.12 -2.08
N MET B 146 -27.83 -26.53 -1.02
CA MET B 146 -28.06 -27.06 0.33
C MET B 146 -29.54 -27.01 0.68
N VAL B 147 -30.19 -25.87 0.43
CA VAL B 147 -31.63 -25.77 0.63
C VAL B 147 -32.37 -26.81 -0.20
N GLY B 148 -31.93 -27.03 -1.44
CA GLY B 148 -32.56 -28.07 -2.26
C GLY B 148 -32.43 -29.45 -1.68
N GLN B 149 -31.25 -29.78 -1.13
CA GLN B 149 -31.03 -31.07 -0.47
C GLN B 149 -31.85 -31.21 0.80
N GLY B 150 -31.92 -30.14 1.60
CA GLY B 150 -32.50 -30.22 2.93
C GLY B 150 -31.44 -30.63 3.94
N PRO B 151 -31.67 -30.30 5.21
CA PRO B 151 -30.71 -30.66 6.26
C PRO B 151 -30.86 -32.13 6.64
N PRO B 152 -29.88 -32.72 7.34
CA PRO B 152 -28.59 -32.18 7.77
C PRO B 152 -27.55 -32.40 6.69
N VAL B 153 -26.46 -31.65 6.75
CA VAL B 153 -25.44 -31.72 5.71
C VAL B 153 -24.09 -31.50 6.35
N ASP B 154 -23.06 -32.10 5.77
CA ASP B 154 -21.68 -31.81 6.14
C ASP B 154 -21.27 -30.51 5.47
N LEU B 155 -21.11 -29.45 6.27
CA LEU B 155 -20.78 -28.16 5.69
C LEU B 155 -19.42 -28.17 5.01
N VAL B 156 -18.49 -29.03 5.43
CA VAL B 156 -17.18 -29.05 4.79
C VAL B 156 -17.28 -29.59 3.37
N ARG B 157 -17.93 -30.73 3.18
CA ARG B 157 -18.04 -31.35 1.86
C ARG B 157 -18.99 -30.56 0.94
N SER B 158 -20.08 -30.02 1.47
CA SER B 158 -21.08 -29.36 0.64
C SER B 158 -20.85 -27.86 0.47
N PHE B 159 -19.93 -27.26 1.22
CA PHE B 159 -19.76 -25.81 1.10
C PHE B 159 -18.28 -25.42 1.14
N VAL B 160 -17.56 -25.79 2.21
CA VAL B 160 -16.17 -25.35 2.35
C VAL B 160 -15.32 -25.86 1.20
N THR B 161 -15.34 -27.17 0.94
CA THR B 161 -14.39 -27.72 -0.01
C THR B 161 -14.66 -27.26 -1.44
N PRO B 162 -15.92 -27.24 -1.93
CA PRO B 162 -16.14 -26.75 -3.32
C PRO B 162 -15.80 -25.28 -3.53
N LEU B 163 -16.06 -24.43 -2.54
CA LEU B 163 -15.86 -23.00 -2.74
C LEU B 163 -14.39 -22.65 -2.95
N SER B 164 -13.53 -22.98 -1.97
CA SER B 164 -12.12 -22.72 -2.18
C SER B 164 -11.57 -23.56 -3.32
N GLY B 165 -12.03 -24.79 -3.45
CA GLY B 165 -11.63 -25.66 -4.56
C GLY B 165 -11.86 -25.07 -5.94
N LEU B 166 -13.14 -24.77 -6.27
CA LEU B 166 -13.46 -24.22 -7.60
C LEU B 166 -12.81 -22.86 -7.81
N VAL B 167 -12.74 -22.03 -6.77
CA VAL B 167 -12.20 -20.69 -6.94
C VAL B 167 -10.75 -20.76 -7.37
N ILE B 168 -9.97 -21.68 -6.79
CA ILE B 168 -8.55 -21.69 -7.12
C ILE B 168 -8.31 -22.40 -8.47
N CYS B 169 -9.09 -23.43 -8.77
CA CYS B 169 -8.95 -24.18 -10.01
C CYS B 169 -9.43 -23.37 -11.21
N ASP B 170 -10.42 -22.50 -11.02
CA ASP B 170 -10.86 -21.63 -12.11
C ASP B 170 -9.85 -20.51 -12.35
N LEU B 171 -9.22 -20.00 -11.29
CA LEU B 171 -8.28 -18.90 -11.48
C LEU B 171 -6.96 -19.39 -12.04
N LEU B 172 -6.55 -20.60 -11.67
CA LEU B 172 -5.25 -21.14 -12.02
C LEU B 172 -5.28 -21.94 -13.32
N GLY B 173 -6.36 -22.70 -13.54
CA GLY B 173 -6.46 -23.55 -14.70
C GLY B 173 -6.39 -25.03 -14.43
N VAL B 174 -6.37 -25.44 -13.16
CA VAL B 174 -6.37 -26.86 -12.82
C VAL B 174 -7.79 -27.39 -12.94
N PRO B 175 -8.01 -28.54 -13.57
CA PRO B 175 -9.37 -29.11 -13.61
C PRO B 175 -9.86 -29.48 -12.21
N TYR B 176 -10.95 -28.83 -11.79
CA TYR B 176 -11.63 -29.25 -10.56
C TYR B 176 -12.20 -30.65 -10.71
N ALA B 177 -12.50 -31.07 -11.95
CA ALA B 177 -12.89 -32.45 -12.19
C ALA B 177 -11.79 -33.43 -11.78
N ASP B 178 -10.54 -32.99 -11.70
CA ASP B 178 -9.42 -33.87 -11.40
C ASP B 178 -9.11 -33.98 -9.92
N ARG B 179 -9.97 -33.46 -9.03
CA ARG B 179 -9.73 -33.60 -7.61
C ARG B 179 -9.74 -35.07 -7.19
N SER B 180 -10.34 -35.95 -8.00
CA SER B 180 -10.21 -37.39 -7.81
C SER B 180 -8.75 -37.80 -7.68
N ARG B 181 -7.91 -37.30 -8.59
CA ARG B 181 -6.51 -37.72 -8.62
C ARG B 181 -5.66 -36.96 -7.60
N PHE B 182 -5.66 -35.63 -7.66
CA PHE B 182 -4.66 -34.85 -6.94
C PHE B 182 -5.01 -34.55 -5.48
N ARG B 183 -6.25 -34.78 -5.04
CA ARG B 183 -6.60 -34.34 -3.70
C ARG B 183 -5.87 -35.17 -2.65
N HIS B 184 -5.56 -36.44 -2.95
CA HIS B 184 -4.82 -37.28 -2.02
C HIS B 184 -3.32 -36.99 -2.05
N TRP B 185 -2.83 -36.36 -3.12
CA TRP B 185 -1.43 -35.93 -3.16
C TRP B 185 -1.23 -34.63 -2.38
N LEU B 186 -2.27 -33.83 -2.23
CA LEU B 186 -2.17 -32.56 -1.52
C LEU B 186 -1.81 -32.79 -0.07
N GLU B 187 -2.34 -33.86 0.53
CA GLU B 187 -2.12 -34.12 1.95
C GLU B 187 -0.64 -34.35 2.24
N ALA B 188 0.05 -35.09 1.36
CA ALA B 188 1.48 -35.36 1.56
C ALA B 188 2.29 -34.10 1.82
N PHE B 189 1.86 -32.96 1.28
CA PHE B 189 2.60 -31.72 1.49
C PHE B 189 2.35 -31.08 2.85
N PHE B 190 1.31 -31.50 3.58
CA PHE B 190 0.99 -30.96 4.90
C PHE B 190 1.26 -31.96 6.01
N SER B 191 1.70 -33.18 5.66
CA SER B 191 1.83 -34.28 6.61
C SER B 191 3.04 -34.08 7.53
N ILE B 192 2.80 -34.24 8.82
CA ILE B 192 3.86 -34.34 9.82
C ILE B 192 3.98 -35.79 10.24
N THR B 193 2.87 -36.36 10.73
CA THR B 193 2.82 -37.74 11.17
C THR B 193 1.71 -38.56 10.53
N ALA B 194 0.99 -38.00 9.57
CA ALA B 194 -0.10 -38.76 8.94
C ALA B 194 0.43 -39.81 7.98
N LEU B 195 1.56 -39.55 7.31
CA LEU B 195 2.02 -40.43 6.26
C LEU B 195 3.49 -40.76 6.48
N PRO B 196 3.89 -42.00 6.24
CA PRO B 196 5.32 -42.35 6.25
C PRO B 196 6.08 -41.56 5.20
N ALA B 197 7.39 -41.44 5.41
CA ALA B 197 8.20 -40.61 4.51
C ALA B 197 8.15 -41.12 3.08
N ASP B 198 8.12 -42.44 2.89
CA ASP B 198 8.17 -43.00 1.52
C ASP B 198 6.88 -42.73 0.75
N GLU B 199 5.73 -42.75 1.44
CA GLU B 199 4.46 -42.41 0.82
C GLU B 199 4.37 -40.89 0.62
N VAL B 200 4.99 -40.11 1.52
CA VAL B 200 5.10 -38.66 1.30
C VAL B 200 5.90 -38.39 0.03
N ALA B 201 7.04 -39.06 -0.12
CA ALA B 201 7.87 -38.90 -1.32
C ALA B 201 7.11 -39.32 -2.58
N VAL B 202 6.51 -40.51 -2.55
CA VAL B 202 5.76 -41.03 -3.70
C VAL B 202 4.67 -40.06 -4.12
N ARG B 203 3.96 -39.48 -3.14
CA ARG B 203 2.84 -38.61 -3.46
C ARG B 203 3.31 -37.27 -3.99
N ILE B 204 4.43 -36.76 -3.48
CA ILE B 204 4.95 -35.49 -3.96
C ILE B 204 5.37 -35.60 -5.42
N GLU B 205 5.96 -36.74 -5.80
CA GLU B 205 6.35 -36.95 -7.20
C GLU B 205 5.14 -37.13 -8.09
N ALA B 206 4.07 -37.75 -7.60
CA ALA B 206 2.85 -37.83 -8.38
C ALA B 206 2.27 -36.44 -8.64
N MET B 207 2.38 -35.55 -7.64
CA MET B 207 1.90 -34.18 -7.82
C MET B 207 2.74 -33.44 -8.87
N TYR B 208 4.06 -33.45 -8.69
CA TYR B 208 4.94 -32.74 -9.61
C TYR B 208 4.81 -33.23 -11.04
N GLY B 209 4.38 -34.47 -11.24
CA GLY B 209 4.19 -34.98 -12.58
C GLY B 209 2.89 -34.47 -13.15
N TYR B 210 1.85 -34.46 -12.32
CA TYR B 210 0.55 -33.99 -12.76
C TYR B 210 0.59 -32.51 -13.12
N ILE B 211 1.36 -31.70 -12.36
CA ILE B 211 1.57 -30.31 -12.76
C ILE B 211 2.25 -30.25 -14.13
N ALA B 212 3.31 -31.05 -14.32
CA ALA B 212 4.05 -31.05 -15.57
C ALA B 212 3.15 -31.40 -16.74
N GLU B 213 2.33 -32.44 -16.60
CA GLU B 213 1.30 -32.75 -17.59
C GLU B 213 0.46 -31.52 -17.94
N LEU B 214 -0.08 -30.84 -16.91
CA LEU B 214 -0.88 -29.64 -17.13
C LEU B 214 -0.08 -28.56 -17.83
N VAL B 215 1.18 -28.39 -17.44
CA VAL B 215 2.01 -27.38 -18.09
C VAL B 215 2.21 -27.72 -19.56
N ALA B 216 2.40 -29.00 -19.88
CA ALA B 216 2.64 -29.42 -21.26
C ALA B 216 1.46 -29.06 -22.16
N LEU B 217 0.23 -29.18 -21.64
CA LEU B 217 -0.96 -28.95 -22.45
C LEU B 217 -1.03 -27.52 -22.99
N ARG B 218 -0.37 -26.58 -22.32
CA ARG B 218 -0.56 -25.16 -22.63
C ARG B 218 0.47 -24.59 -23.58
N ARG B 219 1.50 -25.35 -23.94
CA ARG B 219 2.34 -24.98 -25.08
C ARG B 219 1.78 -25.52 -26.39
N ALA B 220 0.89 -26.50 -26.31
CA ALA B 220 0.17 -26.95 -27.51
C ALA B 220 -1.00 -26.03 -27.81
N GLU B 221 -1.69 -25.55 -26.76
CA GLU B 221 -2.76 -24.57 -26.85
C GLU B 221 -2.70 -23.63 -25.65
N PRO B 222 -2.36 -22.36 -25.86
CA PRO B 222 -2.41 -21.41 -24.74
C PRO B 222 -3.79 -21.35 -24.11
N THR B 223 -3.81 -20.98 -22.82
CA THR B 223 -5.02 -20.95 -22.03
C THR B 223 -5.19 -19.56 -21.43
N GLU B 224 -6.45 -19.21 -21.19
CA GLU B 224 -6.78 -17.93 -20.58
C GLU B 224 -7.03 -18.12 -19.08
N ASP B 225 -5.95 -18.45 -18.39
CA ASP B 225 -5.93 -18.64 -16.94
C ASP B 225 -4.50 -18.41 -16.46
N LEU B 226 -4.33 -18.43 -15.13
CA LEU B 226 -3.04 -18.04 -14.56
C LEU B 226 -1.90 -18.99 -14.97
N LEU B 227 -2.19 -20.28 -15.14
CA LEU B 227 -1.13 -21.21 -15.54
C LEU B 227 -0.67 -20.92 -16.97
N GLY B 228 -1.61 -20.73 -17.89
CA GLY B 228 -1.23 -20.37 -19.25
C GLY B 228 -0.32 -19.16 -19.29
N GLY B 229 -0.56 -18.18 -18.42
CA GLY B 229 0.25 -16.98 -18.42
C GLY B 229 1.65 -17.18 -17.89
N LEU B 230 1.82 -18.08 -16.92
CA LEU B 230 3.16 -18.34 -16.39
C LEU B 230 3.97 -19.14 -17.39
N VAL B 231 3.33 -20.05 -18.11
CA VAL B 231 3.98 -20.76 -19.20
C VAL B 231 4.44 -19.78 -20.27
N ARG B 232 3.55 -18.84 -20.67
CA ARG B 232 3.95 -17.77 -21.57
C ARG B 232 5.03 -16.86 -20.97
N ALA B 233 5.17 -16.82 -19.64
CA ALA B 233 6.25 -16.00 -19.05
C ALA B 233 7.58 -16.72 -19.05
N ARG B 234 7.56 -18.05 -18.88
CA ARG B 234 8.77 -18.81 -19.09
C ARG B 234 9.16 -18.80 -20.57
N ASP B 235 8.27 -19.29 -21.43
CA ASP B 235 8.64 -19.59 -22.81
C ASP B 235 8.91 -18.34 -23.65
N ARG B 236 8.45 -17.18 -23.22
CA ARG B 236 8.51 -15.97 -24.03
C ARG B 236 9.41 -14.89 -23.43
N ASP B 237 9.45 -14.71 -22.12
CA ASP B 237 10.44 -13.83 -21.52
C ASP B 237 11.53 -14.57 -20.75
N GLY B 238 11.38 -15.87 -20.52
CA GLY B 238 12.36 -16.58 -19.71
C GLY B 238 12.49 -16.03 -18.31
N SER B 239 11.37 -15.66 -17.69
CA SER B 239 11.46 -15.05 -16.37
C SER B 239 11.62 -16.07 -15.25
N CYS B 240 11.49 -17.35 -15.58
CA CYS B 240 11.66 -18.41 -14.61
C CYS B 240 12.07 -19.69 -15.33
N SER B 241 12.52 -20.68 -14.56
CA SER B 241 12.88 -21.98 -15.06
C SER B 241 11.67 -22.91 -15.07
N GLU B 242 11.84 -24.08 -15.68
CA GLU B 242 10.72 -25.01 -15.75
C GLU B 242 10.40 -25.57 -14.37
N GLU B 243 11.43 -25.71 -13.53
CA GLU B 243 11.24 -26.16 -12.16
C GLU B 243 10.56 -25.09 -11.31
N GLU B 244 10.99 -23.83 -11.44
CA GLU B 244 10.33 -22.73 -10.76
C GLU B 244 8.87 -22.65 -11.14
N LEU B 245 8.55 -22.92 -12.40
CA LEU B 245 7.17 -22.82 -12.86
C LEU B 245 6.31 -23.92 -12.25
N VAL B 246 6.77 -25.17 -12.29
CA VAL B 246 6.02 -26.25 -11.65
C VAL B 246 5.84 -25.96 -10.16
N ASP B 247 6.89 -25.47 -9.50
CA ASP B 247 6.83 -25.19 -8.06
C ASP B 247 5.83 -24.09 -7.74
N LEU B 248 5.86 -23.00 -8.52
CA LEU B 248 4.95 -21.89 -8.29
C LEU B 248 3.50 -22.34 -8.42
N ALA B 249 3.18 -23.03 -9.51
CA ALA B 249 1.80 -23.50 -9.72
C ALA B 249 1.37 -24.47 -8.64
N ASN B 250 2.29 -25.25 -8.10
CA ASN B 250 1.89 -26.26 -7.14
C ASN B 250 1.64 -25.64 -5.75
N VAL B 251 2.44 -24.63 -5.39
CA VAL B 251 2.29 -23.92 -4.13
C VAL B 251 1.01 -23.09 -4.12
N LEU B 252 0.55 -22.64 -5.29
CA LEU B 252 -0.70 -21.86 -5.38
C LEU B 252 -1.91 -22.77 -5.28
N LEU B 253 -1.87 -23.95 -5.90
CA LEU B 253 -2.95 -24.90 -5.76
C LEU B 253 -3.09 -25.39 -4.32
N LEU B 254 -1.96 -25.69 -3.66
CA LEU B 254 -2.04 -26.19 -2.28
C LEU B 254 -2.70 -25.16 -1.38
N ALA B 255 -2.22 -23.93 -1.44
CA ALA B 255 -2.74 -22.85 -0.62
C ALA B 255 -4.21 -22.60 -0.92
N GLY B 256 -4.56 -22.45 -2.19
CA GLY B 256 -5.94 -22.16 -2.53
C GLY B 256 -6.88 -23.30 -2.24
N TYR B 257 -6.47 -24.52 -2.61
CA TYR B 257 -7.34 -25.66 -2.41
C TYR B 257 -7.41 -26.09 -0.95
N HIS B 258 -6.26 -26.20 -0.26
CA HIS B 258 -6.27 -26.86 1.04
C HIS B 258 -6.18 -25.90 2.21
N THR B 259 -5.20 -25.01 2.24
CA THR B 259 -5.06 -24.11 3.37
C THR B 259 -6.32 -23.26 3.57
N THR B 260 -6.94 -22.80 2.47
CA THR B 260 -8.07 -21.89 2.56
C THR B 260 -9.32 -22.60 3.05
N ALA B 261 -9.55 -23.82 2.58
CA ALA B 261 -10.64 -24.64 3.13
C ALA B 261 -10.46 -24.86 4.63
N SER B 262 -9.22 -25.13 5.07
CA SER B 262 -8.92 -25.37 6.49
C SER B 262 -9.29 -24.16 7.35
N GLN B 263 -8.87 -22.97 6.91
CA GLN B 263 -9.18 -21.75 7.65
C GLN B 263 -10.67 -21.44 7.64
N LEU B 264 -11.36 -21.73 6.53
CA LEU B 264 -12.79 -21.44 6.49
C LEU B 264 -13.58 -22.47 7.30
N ALA B 265 -13.13 -23.74 7.27
CA ALA B 265 -13.79 -24.78 8.06
C ALA B 265 -13.59 -24.58 9.56
N SER B 266 -12.41 -24.12 9.96
CA SER B 266 -12.18 -23.84 11.37
C SER B 266 -12.97 -22.62 11.84
N SER B 267 -13.00 -21.56 11.01
CA SER B 267 -13.78 -20.38 11.34
C SER B 267 -15.25 -20.70 11.48
N LEU B 268 -15.76 -21.61 10.64
CA LEU B 268 -17.15 -22.04 10.79
C LEU B 268 -17.37 -22.81 12.08
N PHE B 269 -16.40 -23.65 12.50
CA PHE B 269 -16.47 -24.30 13.79
C PHE B 269 -16.63 -23.27 14.91
N VAL B 270 -15.81 -22.21 14.87
CA VAL B 270 -15.82 -21.18 15.90
C VAL B 270 -17.19 -20.50 15.99
N LEU B 271 -17.75 -20.11 14.84
CA LEU B 271 -19.03 -19.41 14.87
C LEU B 271 -20.14 -20.32 15.31
N LEU B 272 -20.05 -21.61 14.94
CA LEU B 272 -21.09 -22.58 15.24
C LEU B 272 -21.04 -23.07 16.69
N THR B 273 -19.91 -22.87 17.37
CA THR B 273 -19.78 -23.23 18.79
C THR B 273 -19.83 -22.03 19.72
N GLN B 274 -19.69 -20.81 19.20
CA GLN B 274 -19.87 -19.58 19.96
C GLN B 274 -21.01 -18.79 19.32
N PRO B 275 -22.23 -19.34 19.36
CA PRO B 275 -23.29 -18.88 18.45
C PRO B 275 -23.74 -17.45 18.63
N GLU B 276 -23.36 -16.78 19.73
CA GLU B 276 -23.76 -15.38 19.87
C GLU B 276 -22.90 -14.46 19.01
N HIS B 277 -21.68 -14.89 18.68
CA HIS B 277 -20.88 -14.16 17.71
C HIS B 277 -21.38 -14.39 16.29
N ALA B 278 -21.85 -15.61 16.01
CA ALA B 278 -22.52 -15.89 14.75
C ALA B 278 -23.73 -14.99 14.59
N GLU B 279 -24.55 -14.87 15.64
CA GLU B 279 -25.74 -14.03 15.55
C GLU B 279 -25.36 -12.56 15.37
N LEU B 280 -24.34 -12.09 16.09
CA LEU B 280 -23.90 -10.70 15.99
C LEU B 280 -23.50 -10.36 14.55
N LEU B 281 -22.74 -11.23 13.90
CA LEU B 281 -22.39 -11.00 12.50
C LEU B 281 -23.61 -11.13 11.60
N ARG B 282 -24.53 -12.03 11.95
CA ARG B 282 -25.73 -12.21 11.16
C ARG B 282 -26.59 -10.95 11.14
N SER B 283 -26.75 -10.28 12.29
CA SER B 283 -27.59 -9.09 12.39
C SER B 283 -26.90 -7.83 11.91
N ARG B 284 -25.56 -7.82 11.88
CA ARG B 284 -24.78 -6.67 11.44
C ARG B 284 -23.81 -7.14 10.37
N PRO B 285 -24.28 -7.36 9.14
CA PRO B 285 -23.42 -8.00 8.12
C PRO B 285 -22.30 -7.09 7.61
N GLU B 286 -22.41 -5.78 7.82
CA GLU B 286 -21.37 -4.82 7.45
C GLU B 286 -20.11 -4.99 8.29
N LEU B 287 -20.17 -5.78 9.38
CA LEU B 287 -19.00 -6.16 10.16
C LEU B 287 -18.09 -7.13 9.42
N ALA B 288 -18.48 -7.58 8.22
CA ALA B 288 -17.81 -8.72 7.56
C ALA B 288 -16.30 -8.56 7.44
N PRO B 289 -15.74 -7.42 7.03
CA PRO B 289 -14.28 -7.34 6.97
C PRO B 289 -13.64 -7.38 8.34
N ARG B 290 -14.28 -6.81 9.37
CA ARG B 290 -13.82 -6.95 10.75
C ARG B 290 -13.87 -8.39 11.22
N ALA B 291 -14.94 -9.10 10.91
CA ALA B 291 -15.08 -10.48 11.36
C ALA B 291 -14.07 -11.39 10.69
N VAL B 292 -13.77 -11.16 9.39
CA VAL B 292 -12.83 -12.00 8.68
C VAL B 292 -11.42 -11.82 9.26
N GLU B 293 -11.03 -10.58 9.53
CA GLU B 293 -9.70 -10.33 10.11
C GLU B 293 -9.57 -10.94 11.51
N GLU B 294 -10.65 -10.91 12.30
CA GLU B 294 -10.61 -11.46 13.65
C GLU B 294 -10.60 -12.98 13.62
N LEU B 295 -11.37 -13.60 12.73
CA LEU B 295 -11.32 -15.05 12.59
C LEU B 295 -9.93 -15.52 12.13
N LEU B 296 -9.25 -14.72 11.31
CA LEU B 296 -7.88 -15.07 10.93
C LEU B 296 -6.92 -14.96 12.11
N ARG B 297 -7.03 -13.87 12.89
CA ARG B 297 -6.20 -13.75 14.08
C ARG B 297 -6.49 -14.87 15.07
N TYR B 298 -7.76 -15.11 15.36
CA TYR B 298 -8.15 -15.94 16.49
C TYR B 298 -7.95 -17.42 16.20
N VAL B 299 -8.20 -17.86 14.98
CA VAL B 299 -8.01 -19.27 14.62
C VAL B 299 -6.51 -19.55 14.51
N PRO B 300 -5.97 -20.54 15.28
CA PRO B 300 -4.58 -20.94 15.07
C PRO B 300 -4.51 -21.90 13.88
N LEU B 301 -4.50 -21.35 12.66
CA LEU B 301 -4.56 -22.19 11.47
C LEU B 301 -3.30 -23.06 11.34
N ILE B 302 -2.13 -22.45 11.51
CA ILE B 302 -0.89 -23.21 11.51
C ILE B 302 -0.88 -24.13 12.72
N ALA B 303 -0.46 -25.37 12.53
CA ALA B 303 -0.51 -26.30 13.65
C ALA B 303 0.52 -25.92 14.72
N HIS B 304 1.67 -25.36 14.34
CA HIS B 304 2.74 -25.04 15.28
C HIS B 304 3.50 -23.78 14.89
N VAL B 305 4.42 -23.91 13.93
CA VAL B 305 5.22 -22.80 13.44
C VAL B 305 5.12 -22.77 11.92
N THR B 306 5.46 -21.61 11.34
CA THR B 306 5.65 -21.50 9.90
C THR B 306 7.12 -21.75 9.57
N PHE B 307 7.45 -21.64 8.27
CA PHE B 307 8.75 -22.06 7.76
C PHE B 307 9.90 -21.37 8.49
N ALA B 308 10.96 -22.13 8.73
CA ALA B 308 12.14 -21.62 9.40
C ALA B 308 12.83 -20.57 8.55
N ARG B 309 13.49 -19.64 9.23
CA ARG B 309 14.48 -18.74 8.67
C ARG B 309 15.84 -19.04 9.29
N TYR B 310 16.92 -18.85 8.53
CA TYR B 310 18.27 -18.93 9.07
C TYR B 310 18.88 -17.54 9.07
N ALA B 311 19.46 -17.16 10.20
CA ALA B 311 20.17 -15.90 10.27
C ALA B 311 21.41 -15.95 9.39
N THR B 312 21.68 -14.87 8.65
CA THR B 312 22.88 -14.77 7.84
C THR B 312 23.95 -13.93 8.51
N GLU B 313 23.62 -13.31 9.63
CA GLU B 313 24.57 -12.61 10.47
C GLU B 313 23.98 -12.65 11.87
N ASP B 314 24.75 -12.17 12.84
CA ASP B 314 24.34 -12.29 14.24
C ASP B 314 23.25 -11.27 14.56
N VAL B 315 22.15 -11.74 15.14
CA VAL B 315 21.00 -10.92 15.49
C VAL B 315 20.64 -11.20 16.95
N TRP B 316 20.49 -10.14 17.74
CA TRP B 316 20.02 -10.23 19.13
C TRP B 316 18.52 -9.98 19.22
N LEU B 317 17.79 -10.92 19.83
CA LEU B 317 16.39 -10.72 20.16
C LEU B 317 15.98 -11.85 21.09
N GLY B 318 14.99 -11.57 21.94
CA GLY B 318 14.52 -12.59 22.88
C GLY B 318 15.58 -13.05 23.85
N GLY B 319 16.33 -12.13 24.44
CA GLY B 319 17.37 -12.53 25.38
C GLY B 319 18.48 -13.39 24.81
N THR B 320 18.60 -13.46 23.48
CA THR B 320 19.51 -14.38 22.81
C THR B 320 20.24 -13.66 21.69
N LEU B 321 21.56 -13.81 21.63
CA LEU B 321 22.30 -13.52 20.40
C LEU B 321 22.14 -14.71 19.47
N VAL B 322 21.33 -14.56 18.42
CA VAL B 322 21.18 -15.61 17.41
C VAL B 322 22.32 -15.49 16.41
N ARG B 323 23.06 -16.58 16.22
CA ARG B 323 24.26 -16.52 15.40
C ARG B 323 24.00 -16.89 13.93
N ALA B 324 24.80 -16.30 13.05
CA ALA B 324 24.76 -16.62 11.62
C ALA B 324 24.77 -18.12 11.41
N GLY B 325 23.84 -18.61 10.60
CA GLY B 325 23.70 -20.02 10.34
C GLY B 325 22.81 -20.76 11.31
N GLU B 326 22.22 -20.07 12.29
CA GLU B 326 21.31 -20.71 13.24
C GLU B 326 19.86 -20.51 12.79
N ALA B 327 19.02 -21.51 13.06
CA ALA B 327 17.62 -21.50 12.63
C ALA B 327 16.70 -20.85 13.67
N VAL B 328 15.62 -20.24 13.16
CA VAL B 328 14.55 -19.67 13.98
C VAL B 328 13.22 -20.11 13.39
N LEU B 329 12.25 -20.43 14.27
CA LEU B 329 10.92 -20.92 13.92
C LEU B 329 9.89 -19.91 14.42
N PRO B 330 9.08 -19.32 13.54
CA PRO B 330 8.13 -18.30 14.01
C PRO B 330 6.81 -18.92 14.45
N ALA B 331 6.47 -18.82 15.73
CA ALA B 331 5.20 -19.36 16.19
C ALA B 331 4.12 -18.32 15.89
N VAL B 332 3.55 -18.40 14.68
CA VAL B 332 2.58 -17.39 14.26
C VAL B 332 1.31 -17.40 15.10
N PRO B 333 0.70 -18.54 15.44
CA PRO B 333 -0.50 -18.47 16.27
C PRO B 333 -0.26 -17.85 17.65
N SER B 334 0.98 -17.92 18.17
CA SER B 334 1.30 -17.29 19.44
C SER B 334 1.41 -15.77 19.31
N ALA B 335 2.15 -15.29 18.31
CA ALA B 335 2.17 -13.86 18.00
C ALA B 335 0.77 -13.27 17.87
N ASN B 336 -0.21 -14.08 17.43
CA ASN B 336 -1.57 -13.59 17.24
C ASN B 336 -2.40 -13.58 18.52
N ARG B 337 -1.83 -14.08 19.63
CA ARG B 337 -2.46 -14.01 20.95
C ARG B 337 -1.68 -13.09 21.87
N ASP B 338 -0.75 -12.31 21.34
CA ASP B 338 0.14 -11.52 22.17
C ASP B 338 -0.65 -10.40 22.87
N ALA B 339 -0.57 -10.35 24.21
CA ALA B 339 -1.33 -9.39 24.99
C ALA B 339 -0.77 -7.98 24.93
N GLU B 340 0.47 -7.82 24.48
CA GLU B 340 1.00 -6.47 24.26
C GLU B 340 0.40 -5.80 23.04
N VAL B 341 -0.20 -6.58 22.14
CA VAL B 341 -0.71 -6.05 20.88
C VAL B 341 -2.23 -6.13 20.80
N PHE B 342 -2.83 -7.24 21.21
CA PHE B 342 -4.28 -7.44 21.10
C PHE B 342 -4.92 -7.34 22.47
N ASP B 343 -6.03 -6.60 22.57
CA ASP B 343 -6.78 -6.55 23.81
C ASP B 343 -7.57 -7.84 23.95
N GLU B 344 -7.52 -8.42 25.15
CA GLU B 344 -8.18 -9.69 25.42
C GLU B 344 -7.91 -10.67 24.28
N PRO B 345 -6.64 -10.97 24.00
CA PRO B 345 -6.30 -11.72 22.78
C PRO B 345 -6.93 -13.09 22.70
N ASP B 346 -7.44 -13.65 23.82
CA ASP B 346 -7.97 -15.01 23.83
C ASP B 346 -9.48 -15.05 23.81
N ARG B 347 -10.13 -13.92 23.56
CA ARG B 347 -11.57 -13.86 23.34
C ARG B 347 -11.84 -13.35 21.92
N LEU B 348 -12.82 -13.97 21.26
CA LEU B 348 -13.25 -13.56 19.93
C LEU B 348 -14.00 -12.25 20.00
N ASP B 349 -13.60 -11.29 19.15
CA ASP B 349 -14.21 -9.96 19.10
C ASP B 349 -14.34 -9.61 17.62
N LEU B 350 -15.42 -10.07 17.00
CA LEU B 350 -15.62 -9.82 15.58
C LEU B 350 -15.70 -8.34 15.22
N THR B 351 -15.83 -7.44 16.20
CA THR B 351 -15.96 -6.02 15.93
C THR B 351 -14.65 -5.26 16.07
N ARG B 352 -13.53 -5.92 16.42
CA ARG B 352 -12.25 -5.21 16.50
C ARG B 352 -11.97 -4.47 15.19
N ARG B 353 -11.44 -3.26 15.28
CA ARG B 353 -11.25 -2.41 14.10
C ARG B 353 -9.81 -2.43 13.58
N HIS B 354 -8.83 -2.16 14.44
CA HIS B 354 -7.41 -2.32 14.12
C HIS B 354 -6.96 -3.72 14.52
N ASN B 355 -6.52 -4.51 13.53
CA ASN B 355 -6.25 -5.94 13.72
C ASN B 355 -4.92 -6.27 13.08
N PRO B 356 -3.81 -5.84 13.70
CA PRO B 356 -2.51 -6.12 13.08
C PRO B 356 -2.06 -7.57 13.26
N HIS B 357 -2.89 -8.54 12.88
CA HIS B 357 -2.52 -9.93 13.05
C HIS B 357 -1.41 -10.32 12.06
N LEU B 358 -0.80 -11.49 12.30
CA LEU B 358 0.23 -12.04 11.41
C LEU B 358 -0.21 -13.33 10.76
N ALA B 359 -1.52 -13.61 10.73
CA ALA B 359 -2.02 -14.80 10.08
C ALA B 359 -1.78 -14.84 8.56
N PHE B 360 -1.38 -13.74 7.92
CA PHE B 360 -0.92 -13.75 6.53
C PHE B 360 0.58 -13.49 6.43
N GLY B 361 1.29 -13.54 7.55
CA GLY B 361 2.69 -13.21 7.56
C GLY B 361 2.94 -11.74 7.75
N HIS B 362 4.18 -11.36 7.44
CA HIS B 362 4.64 -9.99 7.66
C HIS B 362 5.76 -9.67 6.67
N GLY B 363 5.58 -8.61 5.91
CA GLY B 363 6.68 -8.09 5.12
C GLY B 363 6.84 -8.83 3.82
N LEU B 364 8.06 -9.33 3.59
CA LEU B 364 8.46 -9.75 2.24
C LEU B 364 7.55 -10.85 1.70
N HIS B 365 7.30 -11.89 2.50
CA HIS B 365 6.53 -13.05 2.05
C HIS B 365 5.07 -13.01 2.50
N HIS B 366 4.56 -11.80 2.81
CA HIS B 366 3.16 -11.66 3.19
C HIS B 366 2.25 -12.36 2.21
N CYS B 367 1.25 -13.08 2.74
CA CYS B 367 0.49 -14.01 1.91
C CYS B 367 0.07 -13.39 0.59
N LEU B 368 0.34 -14.11 -0.50
CA LEU B 368 -0.08 -13.64 -1.82
C LEU B 368 -1.59 -13.80 -2.02
N GLY B 369 -2.19 -14.81 -1.42
CA GLY B 369 -3.63 -14.98 -1.51
C GLY B 369 -4.44 -14.20 -0.48
N ALA B 370 -3.84 -13.20 0.17
CA ALA B 370 -4.52 -12.49 1.26
C ALA B 370 -5.86 -11.91 0.81
N SER B 371 -5.85 -11.17 -0.30
CA SER B 371 -7.08 -10.54 -0.80
C SER B 371 -8.09 -11.56 -1.29
N LEU B 372 -7.61 -12.64 -1.91
CA LEU B 372 -8.51 -13.67 -2.38
C LEU B 372 -9.20 -14.39 -1.23
N VAL B 373 -8.50 -14.56 -0.10
CA VAL B 373 -9.10 -15.26 1.04
C VAL B 373 -10.17 -14.38 1.68
N ARG B 374 -9.84 -13.11 1.88
CA ARG B 374 -10.77 -12.15 2.47
C ARG B 374 -12.09 -12.13 1.72
N VAL B 375 -12.04 -11.98 0.39
CA VAL B 375 -13.26 -11.95 -0.44
C VAL B 375 -14.01 -13.26 -0.33
N GLN B 376 -13.32 -14.39 -0.46
CA GLN B 376 -14.00 -15.67 -0.27
C GLN B 376 -14.68 -15.75 1.09
N MET B 377 -14.00 -15.27 2.14
CA MET B 377 -14.54 -15.42 3.49
C MET B 377 -15.67 -14.43 3.80
N GLU B 378 -15.51 -13.15 3.42
CA GLU B 378 -16.64 -12.21 3.49
C GLU B 378 -17.88 -12.80 2.85
N VAL B 379 -17.76 -13.28 1.61
CA VAL B 379 -18.92 -13.70 0.86
C VAL B 379 -19.51 -14.95 1.48
N ALA B 380 -18.68 -15.95 1.73
CA ALA B 380 -19.18 -17.20 2.29
C ALA B 380 -19.92 -16.97 3.60
N LEU B 381 -19.31 -16.22 4.52
CA LEU B 381 -19.93 -16.03 5.83
C LEU B 381 -21.23 -15.24 5.73
N THR B 382 -21.22 -14.12 5.01
CA THR B 382 -22.42 -13.26 4.99
C THR B 382 -23.60 -13.98 4.33
N MET B 383 -23.36 -14.69 3.23
CA MET B 383 -24.43 -15.41 2.54
C MET B 383 -24.86 -16.68 3.28
N LEU B 384 -23.94 -17.35 3.97
CA LEU B 384 -24.34 -18.50 4.79
C LEU B 384 -25.23 -18.03 5.94
N LEU B 385 -24.74 -17.08 6.72
CA LEU B 385 -25.51 -16.59 7.85
C LEU B 385 -26.79 -15.90 7.41
N GLY B 386 -26.77 -15.25 6.23
CA GLY B 386 -27.98 -14.62 5.74
C GLY B 386 -29.03 -15.62 5.31
N ARG B 387 -28.64 -16.67 4.59
CA ARG B 387 -29.63 -17.58 4.06
C ARG B 387 -30.20 -18.51 5.11
N PHE B 388 -29.41 -18.88 6.12
CA PHE B 388 -29.82 -19.85 7.14
C PHE B 388 -29.72 -19.18 8.50
N PRO B 389 -30.77 -18.49 8.96
CA PRO B 389 -30.70 -17.80 10.26
C PRO B 389 -30.70 -18.73 11.46
N ASP B 390 -31.03 -20.00 11.30
CA ASP B 390 -31.04 -20.98 12.39
C ASP B 390 -29.96 -22.05 12.22
N LEU B 391 -28.97 -21.80 11.37
CA LEU B 391 -27.90 -22.78 11.18
C LEU B 391 -27.34 -23.19 12.52
N ALA B 392 -27.12 -24.50 12.69
CA ALA B 392 -26.64 -25.02 13.95
C ALA B 392 -25.90 -26.31 13.66
N LEU B 393 -24.92 -26.64 14.50
CA LEU B 393 -24.32 -27.96 14.42
C LEU B 393 -25.39 -29.02 14.63
N ALA B 394 -25.31 -30.09 13.87
CA ALA B 394 -26.23 -31.21 14.05
C ALA B 394 -25.69 -32.23 15.04
N ALA B 395 -24.58 -31.91 15.68
CA ALA B 395 -23.85 -32.82 16.55
C ALA B 395 -23.28 -32.04 17.72
N PRO B 396 -22.91 -32.71 18.81
CA PRO B 396 -22.26 -31.99 19.92
C PRO B 396 -20.87 -31.56 19.50
N PRO B 397 -20.47 -30.33 19.84
CA PRO B 397 -19.16 -29.85 19.38
C PRO B 397 -18.02 -30.86 19.54
N ASP B 398 -18.08 -31.72 20.55
CA ASP B 398 -16.95 -32.58 20.80
C ASP B 398 -16.94 -33.84 19.94
N GLU B 399 -18.01 -34.09 19.19
CA GLU B 399 -18.05 -35.19 18.25
C GLU B 399 -17.56 -34.80 16.86
N VAL B 400 -17.11 -33.57 16.69
CA VAL B 400 -16.63 -33.06 15.41
C VAL B 400 -15.19 -33.55 15.23
N PRO B 401 -14.91 -34.35 14.18
CA PRO B 401 -13.55 -34.86 14.00
C PRO B 401 -12.63 -33.84 13.36
N TRP B 402 -11.39 -33.79 13.86
CA TRP B 402 -10.35 -32.89 13.40
C TRP B 402 -9.24 -33.67 12.71
N THR B 403 -8.61 -33.03 11.72
CA THR B 403 -7.46 -33.64 11.07
C THR B 403 -6.32 -33.79 12.08
N ARG B 404 -5.41 -34.73 11.80
CA ARG B 404 -4.37 -35.11 12.76
C ARG B 404 -3.00 -35.24 12.11
N GLY B 405 -1.99 -34.70 12.77
CA GLY B 405 -0.63 -34.77 12.28
C GLY B 405 -0.44 -34.05 10.98
N MET B 406 -1.08 -32.90 10.82
CA MET B 406 -1.03 -32.11 9.61
C MET B 406 -0.58 -30.70 9.97
N GLN B 407 -0.08 -29.99 8.96
CA GLN B 407 0.52 -28.68 9.19
C GLN B 407 -0.54 -27.60 9.41
N ALA B 408 -1.75 -27.78 8.88
CA ALA B 408 -2.83 -26.85 9.12
C ALA B 408 -3.97 -27.56 9.87
N ARG B 409 -4.62 -26.82 10.74
CA ARG B 409 -5.69 -27.37 11.56
C ARG B 409 -7.02 -27.19 10.86
N SER B 410 -7.87 -28.23 10.88
CA SER B 410 -9.20 -28.07 10.34
C SER B 410 -10.15 -29.17 10.81
N PRO B 411 -11.42 -28.88 10.97
CA PRO B 411 -12.41 -29.96 11.08
C PRO B 411 -12.43 -30.79 9.82
N LEU B 412 -12.62 -32.10 9.99
CA LEU B 412 -12.80 -32.98 8.84
C LEU B 412 -14.24 -32.94 8.34
N ARG B 413 -15.19 -32.71 9.23
CA ARG B 413 -16.60 -32.65 8.88
C ARG B 413 -17.26 -31.61 9.75
N LEU B 414 -18.35 -31.04 9.25
CA LEU B 414 -19.18 -30.08 9.99
C LEU B 414 -20.64 -30.40 9.70
N PRO B 415 -21.21 -31.36 10.42
CA PRO B 415 -22.62 -31.68 10.24
C PRO B 415 -23.46 -30.56 10.81
N VAL B 416 -24.31 -29.97 9.95
CA VAL B 416 -25.12 -28.83 10.36
C VAL B 416 -26.56 -29.08 9.92
N THR B 417 -27.45 -28.26 10.49
CA THR B 417 -28.89 -28.34 10.26
C THR B 417 -29.43 -26.92 10.32
N TRP B 418 -30.66 -26.73 9.88
CA TRP B 418 -31.23 -25.38 9.82
C TRP B 418 -32.74 -25.46 9.76
CHA HEM C . -4.08 19.07 -6.96
CHB HEM C . 0.81 18.50 -6.74
CHC HEM C . 1.47 22.57 -9.38
CHD HEM C . -3.38 23.25 -9.39
C1A HEM C . -2.82 18.55 -6.66
C2A HEM C . -2.53 17.35 -5.89
C3A HEM C . -1.19 17.21 -5.85
C4A HEM C . -0.56 18.30 -6.57
CMA HEM C . -0.41 16.09 -5.14
CAA HEM C . -3.58 16.38 -5.25
CBA HEM C . -3.78 16.68 -3.75
CGA HEM C . -4.70 15.73 -3.00
O1A HEM C . -4.60 15.77 -1.75
O2A HEM C . -5.49 14.93 -3.58
C1B HEM C . 1.42 19.53 -7.46
C2B HEM C . 2.85 19.69 -7.70
C3B HEM C . 3.02 20.83 -8.41
C4B HEM C . 1.72 21.41 -8.66
CMB HEM C . 3.92 18.70 -7.18
CAB HEM C . 4.28 21.48 -8.97
CBB HEM C . 5.41 20.80 -9.21
C1C HEM C . 0.21 23.09 -9.68
C2C HEM C . -0.11 24.16 -10.62
C3C HEM C . -1.45 24.33 -10.62
C4C HEM C . -2.02 23.38 -9.69
CMC HEM C . 0.94 24.94 -11.45
CAC HEM C . -2.31 25.35 -11.41
CBC HEM C . -1.79 26.43 -11.99
C1D HEM C . -4.00 22.22 -8.72
C2D HEM C . -5.42 22.09 -8.46
C3D HEM C . -5.61 20.95 -7.80
C4D HEM C . -4.33 20.28 -7.60
CMD HEM C . -6.51 23.12 -8.89
CAD HEM C . -6.97 20.38 -7.32
CBD HEM C . -7.57 19.68 -8.54
CGD HEM C . -8.93 19.15 -8.23
O1D HEM C . -9.41 19.32 -7.08
O2D HEM C . -9.53 18.53 -9.14
NA HEM C . -1.61 19.10 -7.05
NB HEM C . 0.77 20.60 -8.07
NC HEM C . -0.99 22.64 -9.13
ND HEM C . -3.38 21.10 -8.18
FE HEM C . -1.34 20.90 -8.13
CHA HEM D . 2.51 -16.79 2.20
CHB HEM D . -1.15 -17.92 5.22
CHC HEM D . -4.17 -18.70 1.44
CHD HEM D . -0.32 -18.23 -1.49
C1A HEM D . 1.77 -17.01 3.34
C2A HEM D . 2.25 -16.88 4.69
C3A HEM D . 1.25 -17.20 5.52
C4A HEM D . 0.09 -17.54 4.73
CMA HEM D . 1.29 -17.22 7.08
CAA HEM D . 3.68 -16.46 5.07
CBA HEM D . 4.38 -17.68 5.73
CGA HEM D . 5.66 -17.21 6.40
O1A HEM D . 6.35 -18.09 6.99
O2A HEM D . 6.05 -16.02 6.19
C1B HEM D . -2.27 -18.20 4.47
C2B HEM D . -3.59 -18.48 5.00
C3B HEM D . -4.41 -18.72 3.95
C4B HEM D . -3.66 -18.57 2.73
CMB HEM D . -3.93 -18.52 6.51
CAB HEM D . -5.91 -19.04 3.95
CBB HEM D . -6.72 -18.64 4.94
C1C HEM D . -3.43 -18.59 0.27
C2C HEM D . -3.90 -18.56 -1.11
C3C HEM D . -2.80 -18.42 -1.90
C4C HEM D . -1.63 -18.34 -1.05
CMC HEM D . -5.37 -18.67 -1.57
CAC HEM D . -2.72 -18.38 -3.44
CBC HEM D . -3.51 -19.15 -4.19
C1D HEM D . 0.78 -17.82 -0.76
C2D HEM D . 2.11 -17.54 -1.28
C3D HEM D . 2.89 -17.13 -0.29
C4D HEM D . 2.09 -17.14 0.93
CMD HEM D . 2.52 -17.70 -2.77
CAD HEM D . 4.39 -16.73 -0.37
CBD HEM D . 4.52 -15.28 -0.84
CGD HEM D . 5.97 -14.89 -0.86
O1D HEM D . 6.80 -15.76 -0.52
O2D HEM D . 6.31 -13.73 -1.20
NA HEM D . 0.45 -17.41 3.40
NB HEM D . -2.35 -18.26 3.08
NC HEM D . -2.05 -18.45 0.27
ND HEM D . 0.81 -17.56 0.60
FE HEM D . -0.77 -17.91 1.86
#